data_6W6O
#
_entry.id   6W6O
#
loop_
_entity.id
_entity.type
_entity.pdbx_description
1 polymer 'NaChBac-Nav1.7VSDII chimera'
2 polymer Huwentoxin-IV
3 non-polymer '(2S)-3-(hexadecanoyloxy)-2-[(9Z)-octadec-9-enoyloxy]propyl 2-(trimethylammonio)ethyl phosphate'
#
loop_
_entity_poly.entity_id
_entity_poly.type
_entity_poly.pdbx_seq_one_letter_code
_entity_poly.pdbx_strand_id
1 'polypeptide(L)'
;MKMEARQKQNSFTSKMQKIVNHRAFTFTVIALILFNALIVGIETYPRIYADHKWLFYRIDLVLLWIFTIEIAMRFLASNP
KSAFFRSSWNWFDFLIVTLSLVELFLADVEGLSVLRILRVLRVLRAISVVPSLRRLVDALVMTIPALGNILILMSIFFYI
FAVIGTMLFQHVSPEYFGNLQLSLLTLFQVVTLESWASGVMRPIFAEVPWSWLYFVSFVLIGTFIIFNLFIGVIVNNVEK
AELTDNEEDGEADGLKQEISALRKDVAELKSLLKQSK
;
A,D,F,H
2 'polypeptide(L)' ECLEIFKACNPSNDQCCKSSKLVCSRKTRWCKYQI C,E,G,I
#
loop_
_chem_comp.id
_chem_comp.type
_chem_comp.name
_chem_comp.formula
POV non-polymer '(2S)-3-(hexadecanoyloxy)-2-[(9Z)-octadec-9-enoyloxy]propyl 2-(trimethylammonio)ethyl phosphate' 'C42 H82 N O8 P'
#
# COMPACT_ATOMS: atom_id res chain seq x y z
N LYS A 15 54.79 19.36 -15.92
CA LYS A 15 53.68 18.64 -16.56
C LYS A 15 53.03 17.70 -15.56
N MET A 16 51.73 17.90 -15.31
CA MET A 16 51.01 17.12 -14.31
C MET A 16 50.77 15.72 -14.85
N GLN A 17 51.82 14.90 -14.81
CA GLN A 17 51.73 13.53 -15.27
C GLN A 17 52.15 12.53 -14.19
N LYS A 18 52.21 12.98 -12.94
CA LYS A 18 52.45 12.07 -11.82
C LYS A 18 51.13 11.57 -11.27
N ILE A 19 51.19 10.48 -10.51
CA ILE A 19 50.00 9.87 -9.94
C ILE A 19 49.58 10.66 -8.72
N VAL A 20 48.71 11.65 -8.91
CA VAL A 20 48.35 12.55 -7.83
C VAL A 20 47.01 12.20 -7.19
N ASN A 21 46.30 11.21 -7.71
CA ASN A 21 44.98 10.84 -7.21
C ASN A 21 45.03 9.40 -6.71
N HIS A 22 45.10 9.24 -5.38
CA HIS A 22 45.14 7.93 -4.75
C HIS A 22 44.18 7.89 -3.55
N ARG A 23 44.22 6.79 -2.79
CA ARG A 23 43.25 6.60 -1.71
C ARG A 23 43.20 7.79 -0.77
N ALA A 24 44.36 8.35 -0.42
CA ALA A 24 44.40 9.46 0.52
C ALA A 24 43.66 10.67 -0.03
N PHE A 25 43.94 11.05 -1.28
CA PHE A 25 43.28 12.19 -1.89
C PHE A 25 41.78 11.96 -2.00
N THR A 26 41.38 10.76 -2.42
CA THR A 26 39.96 10.44 -2.48
C THR A 26 39.30 10.60 -1.12
N PHE A 27 39.96 10.17 -0.06
CA PHE A 27 39.34 10.29 1.25
C PHE A 27 39.32 11.72 1.74
N THR A 28 40.30 12.53 1.35
CA THR A 28 40.19 13.96 1.60
C THR A 28 38.94 14.52 0.95
N VAL A 29 38.72 14.17 -0.32
CA VAL A 29 37.53 14.62 -1.02
C VAL A 29 36.27 14.19 -0.28
N ILE A 30 36.23 12.92 0.11
CA ILE A 30 35.05 12.42 0.81
C ILE A 30 34.82 13.18 2.10
N ALA A 31 35.90 13.43 2.84
CA ALA A 31 35.76 14.16 4.09
C ALA A 31 35.20 15.55 3.84
N LEU A 32 35.70 16.23 2.81
CA LEU A 32 35.18 17.55 2.49
C LEU A 32 33.71 17.50 2.15
N ILE A 33 33.30 16.49 1.38
CA ILE A 33 31.89 16.38 1.02
C ILE A 33 31.04 16.17 2.26
N LEU A 34 31.43 15.24 3.13
CA LEU A 34 30.66 14.99 4.33
C LEU A 34 30.61 16.24 5.21
N PHE A 35 31.70 17.00 5.24
CA PHE A 35 31.71 18.20 6.07
C PHE A 35 30.78 19.26 5.51
N ASN A 36 30.77 19.44 4.19
CA ASN A 36 29.83 20.36 3.59
C ASN A 36 28.40 19.92 3.85
N ALA A 37 28.15 18.61 3.81
CA ALA A 37 26.83 18.10 4.13
C ALA A 37 26.43 18.48 5.55
N LEU A 38 27.32 18.21 6.50
CA LEU A 38 27.04 18.56 7.88
C LEU A 38 26.77 20.04 8.05
N ILE A 39 27.54 20.89 7.37
CA ILE A 39 27.40 22.32 7.57
C ILE A 39 26.10 22.81 6.96
N VAL A 40 25.73 22.30 5.78
CA VAL A 40 24.47 22.69 5.18
C VAL A 40 23.31 22.22 6.04
N GLY A 41 23.45 21.07 6.66
CA GLY A 41 22.43 20.62 7.60
C GLY A 41 22.28 21.58 8.76
N ILE A 42 23.40 21.91 9.41
CA ILE A 42 23.35 22.80 10.57
C ILE A 42 22.71 24.12 10.20
N GLU A 43 23.09 24.69 9.07
CA GLU A 43 22.68 26.05 8.77
C GLU A 43 21.17 26.17 8.61
N THR A 44 20.46 25.06 8.73
CA THR A 44 19.00 25.08 8.65
C THR A 44 18.35 25.29 10.00
N TYR A 45 19.11 25.78 10.98
CA TYR A 45 18.56 26.12 12.29
C TYR A 45 18.66 27.62 12.46
N PRO A 46 17.56 28.32 12.72
CA PRO A 46 17.64 29.80 12.79
C PRO A 46 18.54 30.30 13.91
N ARG A 47 18.39 29.77 15.12
CA ARG A 47 19.25 30.18 16.21
C ARG A 47 20.71 30.02 15.81
N ILE A 48 21.12 28.79 15.53
CA ILE A 48 22.50 28.50 15.17
C ILE A 48 22.98 29.28 13.96
N TYR A 49 22.06 29.91 13.23
CA TYR A 49 22.47 30.62 12.03
C TYR A 49 22.69 32.11 12.29
N ALA A 50 21.69 32.78 12.86
CA ALA A 50 21.81 34.21 13.10
C ALA A 50 23.14 34.56 13.75
N ASP A 51 23.53 33.78 14.76
CA ASP A 51 24.73 34.08 15.53
C ASP A 51 25.99 34.03 14.68
N HIS A 52 26.31 32.87 14.14
CA HIS A 52 27.57 32.65 13.46
C HIS A 52 27.49 32.90 11.97
N LYS A 53 26.58 33.75 11.52
CA LYS A 53 26.36 33.98 10.10
C LYS A 53 27.67 34.13 9.36
N TRP A 54 28.52 35.06 9.81
CA TRP A 54 29.78 35.33 9.13
C TRP A 54 30.61 34.05 9.00
N LEU A 55 30.74 33.31 10.10
CA LEU A 55 31.53 32.10 10.06
C LEU A 55 31.01 31.13 9.02
N PHE A 56 29.69 30.89 9.02
CA PHE A 56 29.11 29.99 8.04
C PHE A 56 29.41 30.45 6.63
N TYR A 57 29.20 31.74 6.36
CA TYR A 57 29.42 32.23 5.01
C TYR A 57 30.86 32.00 4.58
N ARG A 58 31.82 32.32 5.45
CA ARG A 58 33.21 32.16 5.05
C ARG A 58 33.58 30.69 4.89
N ILE A 59 33.04 29.82 5.72
CA ILE A 59 33.23 28.39 5.53
C ILE A 59 32.74 27.99 4.15
N ASP A 60 31.55 28.46 3.79
CA ASP A 60 31.01 28.13 2.48
C ASP A 60 31.93 28.61 1.37
N LEU A 61 32.46 29.81 1.50
CA LEU A 61 33.38 30.34 0.50
C LEU A 61 34.59 29.43 0.33
N VAL A 62 35.22 29.08 1.45
CA VAL A 62 36.40 28.21 1.37
C VAL A 62 36.05 26.89 0.74
N LEU A 63 34.91 26.31 1.13
CA LEU A 63 34.49 25.04 0.56
C LEU A 63 34.31 25.16 -0.94
N LEU A 64 33.68 26.25 -1.39
CA LEU A 64 33.47 26.45 -2.82
C LEU A 64 34.79 26.50 -3.56
N TRP A 65 35.76 27.24 -3.02
CA TRP A 65 37.05 27.33 -3.70
C TRP A 65 37.76 25.98 -3.72
N ILE A 66 37.69 25.26 -2.61
CA ILE A 66 38.44 24.02 -2.48
C ILE A 66 37.79 22.93 -3.33
N PHE A 67 36.53 23.15 -3.71
CA PHE A 67 35.88 22.25 -4.64
C PHE A 67 36.17 22.63 -6.08
N THR A 68 36.22 23.94 -6.36
CA THR A 68 36.56 24.38 -7.70
C THR A 68 37.95 23.93 -8.08
N ILE A 69 38.93 24.15 -7.20
CA ILE A 69 40.29 23.71 -7.50
C ILE A 69 40.34 22.19 -7.58
N GLU A 70 39.46 21.52 -6.84
CA GLU A 70 39.36 20.07 -6.95
C GLU A 70 39.00 19.66 -8.38
N ILE A 71 37.89 20.20 -8.89
CA ILE A 71 37.49 19.87 -10.25
C ILE A 71 38.54 20.29 -11.24
N ALA A 72 39.23 21.40 -10.97
CA ALA A 72 40.26 21.87 -11.89
C ALA A 72 41.42 20.89 -11.97
N MET A 73 41.87 20.40 -10.83
CA MET A 73 42.90 19.37 -10.83
C MET A 73 42.41 18.13 -11.56
N ARG A 74 41.18 17.71 -11.28
CA ARG A 74 40.61 16.56 -11.98
C ARG A 74 40.69 16.74 -13.48
N PHE A 75 40.32 17.92 -13.96
CA PHE A 75 40.36 18.24 -15.38
C PHE A 75 41.78 18.15 -15.91
N LEU A 76 42.65 19.03 -15.40
CA LEU A 76 44.00 19.13 -15.94
C LEU A 76 44.72 17.79 -15.87
N ALA A 77 44.89 17.26 -14.66
CA ALA A 77 45.77 16.11 -14.46
C ALA A 77 45.42 14.92 -15.35
N SER A 78 44.24 14.91 -15.97
CA SER A 78 43.81 13.76 -16.75
C SER A 78 43.46 14.19 -18.17
N ASN A 79 44.30 13.73 -19.12
CA ASN A 79 44.19 13.95 -20.58
C ASN A 79 43.39 15.18 -21.00
N PRO A 80 43.91 16.36 -20.68
CA PRO A 80 43.21 17.63 -20.93
C PRO A 80 42.74 17.74 -22.36
N LYS A 81 43.69 17.68 -23.30
CA LYS A 81 43.33 17.64 -24.71
C LYS A 81 42.29 16.56 -24.98
N SER A 82 42.25 15.54 -24.13
CA SER A 82 41.25 14.52 -24.43
C SER A 82 39.97 15.05 -23.91
N ALA A 83 38.93 14.34 -24.30
CA ALA A 83 37.59 14.83 -24.00
C ALA A 83 37.40 15.06 -22.50
N PHE A 84 37.47 13.98 -21.72
CA PHE A 84 37.24 14.07 -20.27
C PHE A 84 35.78 14.32 -19.98
N PHE A 85 34.99 14.58 -21.01
CA PHE A 85 33.58 14.90 -20.85
C PHE A 85 32.68 13.72 -21.11
N ARG A 86 33.24 12.55 -21.45
CA ARG A 86 32.41 11.37 -21.61
C ARG A 86 31.64 11.08 -20.34
N SER A 87 32.35 10.94 -19.22
CA SER A 87 31.70 10.61 -17.96
C SER A 87 30.65 11.64 -17.58
N SER A 88 29.38 11.21 -17.56
CA SER A 88 28.30 12.09 -17.15
C SER A 88 28.58 12.71 -15.79
N TRP A 89 29.24 11.95 -14.92
CA TRP A 89 29.51 12.45 -13.58
C TRP A 89 30.32 13.73 -13.62
N ASN A 90 31.50 13.69 -14.24
CA ASN A 90 32.31 14.89 -14.37
C ASN A 90 31.45 16.05 -14.86
N TRP A 91 30.52 15.79 -15.78
CA TRP A 91 29.58 16.83 -16.19
C TRP A 91 28.78 17.35 -15.01
N PHE A 92 28.31 16.43 -14.17
CA PHE A 92 27.51 16.84 -13.02
C PHE A 92 28.30 17.76 -12.09
N ASP A 93 29.50 17.32 -11.70
CA ASP A 93 30.36 18.15 -10.85
C ASP A 93 30.62 19.49 -11.50
N PHE A 94 30.94 19.47 -12.80
CA PHE A 94 31.23 20.69 -13.53
C PHE A 94 30.07 21.66 -13.42
N LEU A 95 28.87 21.22 -13.77
CA LEU A 95 27.72 22.13 -13.76
C LEU A 95 27.44 22.66 -12.36
N ILE A 96 27.56 21.80 -11.35
CA ILE A 96 27.32 22.26 -9.99
C ILE A 96 28.28 23.40 -9.64
N VAL A 97 29.58 23.16 -9.86
CA VAL A 97 30.56 24.18 -9.48
C VAL A 97 30.35 25.45 -10.30
N THR A 98 30.02 25.31 -11.58
CA THR A 98 29.77 26.48 -12.41
C THR A 98 28.66 27.33 -11.83
N LEU A 99 27.48 26.72 -11.68
CA LEU A 99 26.34 27.47 -11.20
C LEU A 99 26.59 28.06 -9.82
N SER A 100 27.37 27.37 -9.00
CA SER A 100 27.62 27.90 -7.66
C SER A 100 28.59 29.07 -7.70
N LEU A 101 29.58 29.04 -8.61
CA LEU A 101 30.48 30.18 -8.76
C LEU A 101 29.76 31.38 -9.34
N VAL A 102 28.85 31.13 -10.29
CA VAL A 102 28.15 32.22 -10.97
C VAL A 102 27.55 33.20 -9.98
N GLU A 103 27.26 32.74 -8.77
CA GLU A 103 26.83 33.66 -7.72
C GLU A 103 27.86 34.74 -7.45
N LEU A 104 29.10 34.52 -7.84
CA LEU A 104 30.16 35.49 -7.59
C LEU A 104 30.47 36.42 -8.76
N PHE A 105 30.40 35.90 -9.98
CA PHE A 105 30.73 36.71 -11.15
C PHE A 105 29.57 37.12 -12.04
N LEU A 106 28.34 36.77 -11.68
CA LEU A 106 27.20 37.16 -12.53
C LEU A 106 26.33 38.25 -11.94
N ALA A 107 25.06 38.22 -12.29
CA ALA A 107 24.10 39.23 -11.87
C ALA A 107 23.56 39.17 -10.44
N ASP A 108 22.26 38.92 -10.35
CA ASP A 108 21.53 38.91 -9.08
C ASP A 108 20.99 37.52 -8.78
N VAL A 109 21.83 36.67 -8.20
CA VAL A 109 21.45 35.33 -7.86
C VAL A 109 21.79 35.02 -6.40
N GLU A 110 21.30 35.86 -5.49
CA GLU A 110 21.56 35.67 -4.07
C GLU A 110 21.05 34.33 -3.57
N GLY A 111 19.73 34.17 -3.55
CA GLY A 111 19.12 32.93 -3.10
C GLY A 111 17.79 32.76 -3.77
N LEU A 112 16.78 33.46 -3.25
CA LEU A 112 15.41 33.42 -3.78
C LEU A 112 14.82 32.01 -3.84
N SER A 113 15.11 31.21 -2.81
CA SER A 113 14.63 29.84 -2.70
C SER A 113 14.99 28.99 -3.92
N VAL A 114 16.21 29.14 -4.42
CA VAL A 114 16.64 28.37 -5.58
C VAL A 114 18.15 28.15 -5.69
N LEU A 115 18.94 28.98 -5.03
CA LEU A 115 20.38 28.81 -5.09
C LEU A 115 20.82 27.87 -3.97
N ARG A 116 20.13 27.95 -2.84
CA ARG A 116 20.44 27.09 -1.70
C ARG A 116 20.19 25.63 -2.05
N ILE A 117 19.14 25.35 -2.82
CA ILE A 117 18.94 24.00 -3.30
C ILE A 117 20.19 23.51 -4.00
N LEU A 118 20.94 24.41 -4.64
CA LEU A 118 22.16 23.98 -5.31
C LEU A 118 23.22 23.56 -4.31
N ARG A 119 23.44 24.36 -3.28
CA ARG A 119 24.39 23.97 -2.26
C ARG A 119 24.03 22.61 -1.69
N VAL A 120 22.75 22.38 -1.45
CA VAL A 120 22.33 21.09 -0.90
C VAL A 120 22.62 19.97 -1.89
N LEU A 121 22.12 20.11 -3.12
CA LEU A 121 22.37 19.11 -4.15
C LEU A 121 23.83 18.80 -4.27
N ARG A 122 24.70 19.74 -3.88
CA ARG A 122 26.13 19.46 -3.89
C ARG A 122 26.51 18.18 -3.16
N VAL A 123 25.59 17.63 -2.36
CA VAL A 123 25.90 16.43 -1.59
C VAL A 123 25.94 15.20 -2.47
N LEU A 124 25.22 15.21 -3.59
CA LEU A 124 25.13 14.01 -4.40
C LEU A 124 26.49 13.50 -4.84
N ARG A 125 27.50 14.37 -4.89
CA ARG A 125 28.83 13.91 -5.25
C ARG A 125 29.30 12.75 -4.38
N ALA A 126 28.73 12.63 -3.17
CA ALA A 126 28.98 11.46 -2.36
C ALA A 126 28.63 10.18 -3.10
N ILE A 127 27.81 10.27 -4.15
CA ILE A 127 27.57 9.12 -4.98
C ILE A 127 28.66 8.98 -6.02
N SER A 128 29.23 10.09 -6.48
CA SER A 128 30.29 10.01 -7.48
C SER A 128 31.55 9.40 -6.89
N VAL A 129 31.88 9.73 -5.65
CA VAL A 129 33.14 9.27 -5.08
C VAL A 129 33.08 7.78 -4.79
N VAL A 130 32.17 7.35 -3.92
CA VAL A 130 32.11 5.96 -3.47
C VAL A 130 31.92 5.04 -4.67
N PRO A 131 32.88 4.17 -4.95
CA PRO A 131 32.76 3.32 -6.15
C PRO A 131 31.48 2.50 -6.18
N SER A 132 31.11 1.87 -5.06
CA SER A 132 29.94 1.02 -5.08
C SER A 132 28.69 1.82 -5.41
N LEU A 133 28.57 3.02 -4.85
CA LEU A 133 27.36 3.81 -5.09
C LEU A 133 27.24 4.17 -6.56
N ARG A 134 28.33 4.60 -7.18
CA ARG A 134 28.30 4.90 -8.61
C ARG A 134 27.94 3.66 -9.40
N ARG A 135 28.55 2.53 -9.05
CA ARG A 135 28.26 1.29 -9.76
C ARG A 135 26.78 0.96 -9.68
N LEU A 136 26.17 1.17 -8.52
CA LEU A 136 24.77 0.84 -8.34
C LEU A 136 23.89 1.80 -9.13
N VAL A 137 24.06 3.09 -8.92
CA VAL A 137 23.25 4.09 -9.62
C VAL A 137 23.33 3.88 -11.12
N ASP A 138 24.48 3.43 -11.61
CA ASP A 138 24.61 3.22 -13.05
C ASP A 138 23.53 2.28 -13.56
N ALA A 139 23.41 1.09 -12.97
CA ALA A 139 22.37 0.17 -13.39
C ALA A 139 21.00 0.70 -13.05
N LEU A 140 20.83 1.24 -11.84
CA LEU A 140 19.53 1.75 -11.44
C LEU A 140 18.99 2.78 -12.41
N VAL A 141 19.87 3.41 -13.18
CA VAL A 141 19.43 4.31 -14.24
C VAL A 141 19.26 3.57 -15.55
N MET A 142 20.29 2.83 -15.97
CA MET A 142 20.25 2.15 -17.26
C MET A 142 18.98 1.34 -17.43
N THR A 143 18.41 0.84 -16.34
CA THR A 143 17.21 0.03 -16.43
C THR A 143 15.93 0.85 -16.56
N ILE A 144 16.04 2.16 -16.84
CA ILE A 144 14.83 2.94 -17.11
C ILE A 144 14.38 2.70 -18.55
N PRO A 145 15.24 2.93 -19.55
CA PRO A 145 14.82 2.66 -20.93
C PRO A 145 14.25 1.28 -21.12
N ALA A 146 14.67 0.31 -20.29
CA ALA A 146 14.03 -0.99 -20.31
C ALA A 146 12.52 -0.86 -20.17
N LEU A 147 12.07 -0.02 -19.24
CA LEU A 147 10.65 0.18 -19.06
C LEU A 147 10.07 0.78 -20.33
N GLY A 148 10.47 2.01 -20.66
CA GLY A 148 10.10 2.55 -21.95
C GLY A 148 8.61 2.59 -22.17
N ASN A 149 8.15 1.66 -23.01
CA ASN A 149 6.73 1.56 -23.37
C ASN A 149 5.80 1.77 -22.19
N ILE A 150 5.92 0.92 -21.16
CA ILE A 150 4.97 0.97 -20.05
C ILE A 150 4.78 2.40 -19.57
N LEU A 151 5.85 3.19 -19.55
CA LEU A 151 5.71 4.57 -19.17
C LEU A 151 4.81 5.32 -20.13
N ILE A 152 4.94 5.04 -21.43
CA ILE A 152 4.07 5.68 -22.41
C ILE A 152 2.63 5.25 -22.21
N LEU A 153 2.41 3.98 -21.91
CA LEU A 153 1.06 3.50 -21.67
C LEU A 153 0.44 4.18 -20.47
N MET A 154 1.18 4.24 -19.37
CA MET A 154 0.69 4.95 -18.20
C MET A 154 0.42 6.40 -18.50
N SER A 155 1.25 7.02 -19.34
CA SER A 155 1.01 8.42 -19.69
C SER A 155 -0.26 8.58 -20.48
N ILE A 156 -0.49 7.70 -21.45
CA ILE A 156 -1.73 7.78 -22.24
C ILE A 156 -2.94 7.59 -21.34
N PHE A 157 -2.87 6.62 -20.45
CA PHE A 157 -3.99 6.35 -19.54
C PHE A 157 -4.26 7.54 -18.64
N PHE A 158 -3.20 8.07 -18.03
CA PHE A 158 -3.34 9.27 -17.23
C PHE A 158 -4.00 10.38 -18.02
N TYR A 159 -3.58 10.57 -19.27
CA TYR A 159 -4.13 11.66 -20.07
C TYR A 159 -5.62 11.44 -20.33
N ILE A 160 -5.98 10.25 -20.80
CA ILE A 160 -7.39 9.97 -21.07
C ILE A 160 -8.23 10.22 -19.84
N PHE A 161 -7.87 9.56 -18.75
CA PHE A 161 -8.63 9.68 -17.51
C PHE A 161 -8.67 11.09 -16.95
N ALA A 162 -7.61 11.86 -17.16
CA ALA A 162 -7.60 13.23 -16.70
C ALA A 162 -8.55 14.09 -17.52
N VAL A 163 -8.52 13.93 -18.84
CA VAL A 163 -9.44 14.69 -19.68
C VAL A 163 -10.88 14.37 -19.33
N ILE A 164 -11.18 13.08 -19.19
CA ILE A 164 -12.56 12.69 -18.90
C ILE A 164 -12.99 13.21 -17.54
N GLY A 165 -12.16 12.99 -16.52
CA GLY A 165 -12.51 13.48 -15.21
C GLY A 165 -12.73 14.98 -15.20
N THR A 166 -11.87 15.72 -15.90
CA THR A 166 -12.10 17.15 -16.02
C THR A 166 -13.47 17.43 -16.60
N MET A 167 -13.68 17.01 -17.85
CA MET A 167 -14.92 17.39 -18.52
C MET A 167 -16.15 16.89 -17.79
N LEU A 168 -16.02 15.92 -16.89
CA LEU A 168 -17.19 15.42 -16.16
C LEU A 168 -17.38 16.14 -14.83
N PHE A 169 -16.40 16.06 -13.94
CA PHE A 169 -16.52 16.53 -12.58
C PHE A 169 -16.01 17.94 -12.39
N GLN A 170 -15.69 18.66 -13.46
CA GLN A 170 -15.10 19.98 -13.30
C GLN A 170 -16.02 20.94 -12.58
N HIS A 171 -17.31 20.64 -12.51
CA HIS A 171 -18.25 21.51 -11.82
C HIS A 171 -18.74 20.94 -10.50
N VAL A 172 -18.46 19.68 -10.22
CA VAL A 172 -18.88 19.05 -8.97
C VAL A 172 -17.78 19.12 -7.93
N SER A 173 -16.52 18.97 -8.34
CA SER A 173 -15.38 19.00 -7.43
C SER A 173 -14.28 19.86 -8.03
N PRO A 174 -14.41 21.18 -7.89
CA PRO A 174 -13.45 22.07 -8.53
C PRO A 174 -12.07 22.04 -7.91
N GLU A 175 -11.91 21.37 -6.78
CA GLU A 175 -10.61 21.30 -6.13
C GLU A 175 -9.75 20.15 -6.62
N TYR A 176 -10.38 19.06 -7.03
CA TYR A 176 -9.65 17.90 -7.51
C TYR A 176 -9.64 17.80 -9.02
N PHE A 177 -10.74 18.15 -9.68
CA PHE A 177 -10.86 18.05 -11.12
C PHE A 177 -11.16 19.40 -11.74
N GLY A 178 -10.50 20.45 -11.26
CA GLY A 178 -10.77 21.78 -11.78
C GLY A 178 -10.16 22.06 -13.14
N ASN A 179 -8.96 21.53 -13.41
CA ASN A 179 -8.26 21.83 -14.64
C ASN A 179 -7.72 20.55 -15.24
N LEU A 180 -7.07 20.68 -16.39
CA LEU A 180 -6.44 19.53 -16.99
C LEU A 180 -5.27 19.04 -16.15
N GLN A 181 -4.64 19.92 -15.39
CA GLN A 181 -3.52 19.53 -14.53
C GLN A 181 -3.93 19.41 -13.07
N LEU A 182 -4.73 20.33 -12.56
CA LEU A 182 -5.25 20.18 -11.21
C LEU A 182 -5.82 18.79 -10.98
N SER A 183 -6.32 18.14 -12.02
CA SER A 183 -6.81 16.79 -11.91
C SER A 183 -5.78 15.76 -12.31
N LEU A 184 -4.77 16.14 -13.07
CA LEU A 184 -3.63 15.27 -13.27
C LEU A 184 -2.93 14.98 -11.97
N LEU A 185 -3.18 15.79 -10.95
CA LEU A 185 -2.62 15.55 -9.62
C LEU A 185 -3.51 14.61 -8.83
N THR A 186 -4.83 14.79 -8.92
CA THR A 186 -5.76 13.87 -8.29
C THR A 186 -5.56 12.47 -8.81
N LEU A 187 -5.46 12.32 -10.13
CA LEU A 187 -5.22 10.99 -10.67
C LEU A 187 -3.89 10.42 -10.23
N PHE A 188 -2.97 11.23 -9.75
CA PHE A 188 -1.74 10.68 -9.22
C PHE A 188 -1.90 10.26 -7.77
N GLN A 189 -2.61 11.07 -7.00
CA GLN A 189 -2.91 10.69 -5.63
C GLN A 189 -3.79 9.47 -5.55
N VAL A 190 -4.54 9.16 -6.61
CA VAL A 190 -5.45 8.02 -6.58
C VAL A 190 -4.81 6.72 -7.04
N VAL A 191 -3.69 6.78 -7.75
CA VAL A 191 -2.99 5.54 -8.07
C VAL A 191 -2.11 5.09 -6.93
N THR A 192 -1.76 5.98 -6.01
CA THR A 192 -1.10 5.58 -4.77
C THR A 192 -2.11 5.21 -3.69
N LEU A 193 -3.40 5.38 -3.96
CA LEU A 193 -4.46 4.86 -3.11
C LEU A 193 -4.58 5.63 -1.81
N GLU A 194 -4.39 6.95 -1.85
CA GLU A 194 -4.54 7.78 -0.67
C GLU A 194 -5.96 8.26 -0.56
N SER A 195 -6.75 7.59 0.27
CA SER A 195 -8.09 8.08 0.53
C SER A 195 -8.79 8.45 -0.77
N TRP A 196 -8.58 7.66 -1.82
CA TRP A 196 -9.26 7.94 -3.07
C TRP A 196 -10.73 7.56 -2.92
N ALA A 197 -11.06 6.79 -1.89
CA ALA A 197 -12.44 6.44 -1.66
C ALA A 197 -13.09 7.25 -0.56
N SER A 198 -12.30 7.91 0.28
CA SER A 198 -12.88 8.66 1.38
C SER A 198 -12.73 10.16 1.21
N GLY A 199 -11.80 10.62 0.39
CA GLY A 199 -11.68 12.04 0.19
C GLY A 199 -11.96 12.47 -1.23
N VAL A 200 -11.62 11.62 -2.20
CA VAL A 200 -11.79 11.97 -3.60
C VAL A 200 -13.14 11.54 -4.12
N MET A 201 -13.49 10.27 -3.95
CA MET A 201 -14.68 9.73 -4.57
C MET A 201 -15.93 9.85 -3.70
N ARG A 202 -15.86 9.36 -2.48
CA ARG A 202 -17.02 9.31 -1.60
C ARG A 202 -17.80 10.62 -1.66
N PRO A 203 -17.14 11.78 -1.68
CA PRO A 203 -17.90 13.04 -1.76
C PRO A 203 -18.41 13.38 -3.14
N ILE A 204 -17.81 12.84 -4.20
CA ILE A 204 -18.36 13.04 -5.54
C ILE A 204 -19.50 12.07 -5.78
N PHE A 205 -19.27 10.79 -5.50
CA PHE A 205 -20.25 9.74 -5.70
C PHE A 205 -21.58 10.09 -5.07
N ALA A 206 -21.58 11.10 -4.19
CA ALA A 206 -22.82 11.54 -3.58
C ALA A 206 -23.66 12.40 -4.50
N GLU A 207 -23.05 13.06 -5.49
CA GLU A 207 -23.77 13.90 -6.42
C GLU A 207 -24.02 13.21 -7.76
N VAL A 208 -22.95 12.81 -8.44
CA VAL A 208 -23.11 12.10 -9.71
C VAL A 208 -23.03 10.61 -9.39
N PRO A 209 -24.17 9.94 -9.24
CA PRO A 209 -24.17 8.59 -8.67
C PRO A 209 -23.55 7.55 -9.57
N TRP A 210 -23.38 7.81 -10.85
CA TRP A 210 -22.74 6.84 -11.71
C TRP A 210 -21.23 7.04 -11.79
N SER A 211 -20.67 7.85 -10.91
CA SER A 211 -19.23 8.09 -10.93
C SER A 211 -18.44 6.90 -10.42
N TRP A 212 -19.07 6.04 -9.62
CA TRP A 212 -18.36 4.89 -9.09
C TRP A 212 -17.67 4.10 -10.18
N LEU A 213 -18.08 4.27 -11.43
CA LEU A 213 -17.37 3.61 -12.53
C LEU A 213 -15.98 4.18 -12.67
N TYR A 214 -15.92 5.47 -13.01
CA TYR A 214 -14.69 6.24 -13.23
C TYR A 214 -13.52 5.89 -12.32
N PHE A 215 -13.73 5.99 -11.01
CA PHE A 215 -12.74 5.64 -10.02
C PHE A 215 -12.46 4.15 -10.04
N VAL A 216 -13.50 3.34 -9.84
CA VAL A 216 -13.27 1.90 -9.83
C VAL A 216 -12.47 1.51 -11.06
N SER A 217 -12.98 1.87 -12.24
CA SER A 217 -12.29 1.49 -13.47
C SER A 217 -10.83 1.90 -13.40
N PHE A 218 -10.58 3.18 -13.11
CA PHE A 218 -9.21 3.63 -12.98
C PHE A 218 -8.44 2.73 -12.03
N VAL A 219 -8.90 2.65 -10.78
CA VAL A 219 -8.14 1.96 -9.76
C VAL A 219 -7.84 0.55 -10.20
N LEU A 220 -8.67 -0.02 -11.07
CA LEU A 220 -8.35 -1.36 -11.56
C LEU A 220 -7.26 -1.26 -12.61
N ILE A 221 -7.55 -0.60 -13.74
CA ILE A 221 -6.61 -0.56 -14.84
C ILE A 221 -5.27 -0.04 -14.35
N GLY A 222 -5.28 1.13 -13.73
CA GLY A 222 -4.06 1.69 -13.19
C GLY A 222 -3.27 0.61 -12.50
N THR A 223 -3.87 0.03 -11.47
CA THR A 223 -3.19 -1.03 -10.73
C THR A 223 -2.71 -2.11 -11.69
N PHE A 224 -3.64 -2.68 -12.46
CA PHE A 224 -3.28 -3.74 -13.38
C PHE A 224 -2.08 -3.36 -14.22
N ILE A 225 -2.00 -2.12 -14.66
CA ILE A 225 -0.83 -1.69 -15.43
C ILE A 225 0.40 -1.67 -14.54
N ILE A 226 0.34 -0.88 -13.46
CA ILE A 226 1.49 -0.74 -12.57
C ILE A 226 2.04 -2.10 -12.21
N PHE A 227 1.21 -2.93 -11.60
CA PHE A 227 1.58 -4.28 -11.24
C PHE A 227 2.40 -4.94 -12.33
N ASN A 228 1.91 -4.94 -13.57
CA ASN A 228 2.61 -5.65 -14.63
C ASN A 228 3.98 -5.06 -14.89
N LEU A 229 4.06 -3.72 -14.96
CA LEU A 229 5.35 -3.06 -15.01
C LEU A 229 6.31 -3.72 -14.02
N PHE A 230 5.86 -3.83 -12.77
CA PHE A 230 6.62 -4.50 -11.74
C PHE A 230 7.14 -5.83 -12.27
N ILE A 231 6.22 -6.75 -12.57
CA ILE A 231 6.63 -8.07 -13.03
C ILE A 231 7.62 -7.95 -14.16
N GLY A 232 7.38 -7.01 -15.08
CA GLY A 232 8.28 -6.84 -16.19
C GLY A 232 9.71 -6.72 -15.72
N VAL A 233 9.97 -5.73 -14.89
CA VAL A 233 11.34 -5.39 -14.52
C VAL A 233 11.95 -6.54 -13.70
N ILE A 234 11.15 -7.55 -13.38
CA ILE A 234 11.71 -8.72 -12.74
C ILE A 234 12.29 -9.68 -13.76
N VAL A 235 11.53 -9.99 -14.81
CA VAL A 235 11.97 -10.95 -15.81
C VAL A 235 13.00 -10.30 -16.70
N ASN A 236 13.29 -9.03 -16.46
CA ASN A 236 14.42 -8.37 -17.08
C ASN A 236 15.66 -8.42 -16.21
N ASN A 237 15.51 -8.65 -14.91
CA ASN A 237 16.63 -8.67 -13.99
C ASN A 237 16.84 -10.06 -13.39
N VAL A 238 15.83 -10.63 -12.75
CA VAL A 238 16.03 -11.89 -12.04
C VAL A 238 16.50 -12.97 -12.99
N GLU A 239 16.13 -12.88 -14.26
CA GLU A 239 16.68 -13.79 -15.26
C GLU A 239 18.19 -13.66 -15.34
N LYS A 240 18.67 -12.46 -15.64
CA LYS A 240 20.11 -12.22 -15.75
C LYS A 240 20.54 -11.04 -14.88
N GLU B 1 38.89 56.76 -9.09
CA GLU B 1 38.61 55.84 -10.19
C GLU B 1 37.67 54.72 -9.75
N CYS B 2 36.86 54.24 -10.68
CA CYS B 2 35.91 53.17 -10.38
C CYS B 2 36.51 51.81 -10.67
N LEU B 3 36.53 50.95 -9.66
CA LEU B 3 37.07 49.60 -9.79
C LEU B 3 36.10 48.72 -10.57
N GLU B 4 36.63 47.64 -11.14
CA GLU B 4 35.81 46.72 -11.92
C GLU B 4 35.20 45.62 -11.06
N ILE B 5 35.15 44.41 -11.60
CA ILE B 5 34.59 43.26 -10.89
C ILE B 5 35.56 42.75 -9.82
N PHE B 6 35.04 41.98 -8.88
CA PHE B 6 35.83 41.42 -7.79
C PHE B 6 36.68 42.47 -7.09
N LYS B 7 36.01 43.50 -6.57
CA LYS B 7 36.70 44.57 -5.86
C LYS B 7 35.97 44.91 -4.56
N ALA B 8 36.69 44.83 -3.44
CA ALA B 8 36.12 45.12 -2.14
C ALA B 8 35.41 46.46 -2.09
N CYS B 9 34.10 46.45 -2.37
CA CYS B 9 33.31 47.66 -2.37
C CYS B 9 32.85 48.03 -0.96
N ASN B 10 32.19 49.17 -0.84
CA ASN B 10 31.70 49.64 0.45
C ASN B 10 30.17 49.75 0.48
N PRO B 11 29.56 49.19 1.53
CA PRO B 11 28.10 49.20 1.68
C PRO B 11 27.51 50.60 1.59
N SER B 12 28.15 51.58 2.23
CA SER B 12 27.67 52.95 2.21
C SER B 12 28.02 53.66 0.90
N ASN B 13 29.31 53.83 0.66
CA ASN B 13 29.79 54.49 -0.56
C ASN B 13 30.04 53.50 -1.69
N ASP B 14 29.17 53.53 -2.70
CA ASP B 14 29.29 52.63 -3.84
C ASP B 14 30.31 53.14 -4.87
N GLN B 15 31.36 52.37 -5.06
CA GLN B 15 32.41 52.72 -6.02
C GLN B 15 32.24 51.96 -7.33
N CYS B 16 31.27 51.05 -7.34
CA CYS B 16 30.98 50.25 -8.52
C CYS B 16 30.76 51.14 -9.73
N CYS B 17 31.69 51.10 -10.68
CA CYS B 17 31.57 51.91 -11.89
C CYS B 17 30.26 51.62 -12.59
N LYS B 18 29.51 52.67 -12.91
CA LYS B 18 28.21 52.52 -13.57
C LYS B 18 28.34 52.36 -15.09
N SER B 19 29.53 52.54 -15.62
CA SER B 19 29.76 52.41 -17.06
C SER B 19 29.58 50.96 -17.51
N SER B 20 29.97 50.03 -16.65
CA SER B 20 29.84 48.61 -16.95
C SER B 20 28.61 48.01 -16.27
N LYS B 21 27.66 48.87 -15.93
CA LYS B 21 26.42 48.46 -15.27
C LYS B 21 26.69 47.58 -14.06
N LEU B 22 27.34 48.15 -13.05
CA LEU B 22 27.67 47.40 -11.84
C LEU B 22 26.94 47.94 -10.61
N VAL B 23 26.78 47.08 -9.61
CA VAL B 23 26.11 47.46 -8.36
C VAL B 23 26.77 46.78 -7.18
N CYS B 24 27.49 47.56 -6.38
CA CYS B 24 28.18 47.04 -5.22
C CYS B 24 27.20 46.44 -4.22
N SER B 25 27.63 45.36 -3.56
CA SER B 25 26.79 44.69 -2.56
C SER B 25 27.55 44.48 -1.26
N ARG B 26 26.89 43.86 -0.30
CA ARG B 26 27.48 43.60 1.00
C ARG B 26 27.54 42.11 1.29
N LYS B 27 26.70 41.34 0.59
CA LYS B 27 26.65 39.90 0.77
C LYS B 27 28.03 39.28 0.60
N THR B 28 28.71 39.65 -0.49
CA THR B 28 30.04 39.13 -0.76
C THR B 28 31.09 40.21 -0.51
N ARG B 29 30.67 41.31 0.11
CA ARG B 29 31.59 42.40 0.43
C ARG B 29 32.43 42.90 -0.76
N TRP B 30 31.88 42.81 -1.97
CA TRP B 30 32.59 43.27 -3.17
C TRP B 30 31.64 43.65 -4.30
N CYS B 31 32.21 44.10 -5.40
CA CYS B 31 31.43 44.53 -6.56
C CYS B 31 31.19 43.43 -7.59
N LYS B 32 29.94 43.31 -8.02
CA LYS B 32 29.55 42.32 -9.03
C LYS B 32 28.69 43.00 -10.09
N TYR B 33 28.34 42.26 -11.13
CA TYR B 33 27.51 42.81 -12.20
C TYR B 33 26.03 42.99 -11.86
N GLN B 34 25.31 43.67 -12.75
CA GLN B 34 23.89 43.92 -12.55
C GLN B 34 23.11 43.64 -13.82
N ILE B 35 21.88 43.17 -13.67
CA ILE B 35 21.02 42.86 -14.81
C ILE B 35 19.60 43.34 -14.58
N LYS C 15 32.81 -33.03 38.23
CA LYS C 15 33.03 -32.32 36.97
C LYS C 15 31.81 -32.46 36.07
N MET C 16 31.20 -31.32 35.72
CA MET C 16 29.98 -31.31 34.92
C MET C 16 30.32 -31.69 33.48
N GLN C 17 30.52 -32.98 33.26
CA GLN C 17 30.82 -33.50 31.94
C GLN C 17 29.84 -34.56 31.50
N LYS C 18 28.70 -34.67 32.18
CA LYS C 18 27.64 -35.56 31.74
C LYS C 18 26.67 -34.82 30.82
N ILE C 19 25.88 -35.58 30.08
CA ILE C 19 24.95 -35.00 29.11
C ILE C 19 23.72 -34.53 29.88
N VAL C 20 23.72 -33.26 30.30
CA VAL C 20 22.66 -32.75 31.14
C VAL C 20 21.63 -31.94 30.38
N ASN C 21 21.84 -31.72 29.07
CA ASN C 21 20.94 -30.90 28.26
C ASN C 21 20.36 -31.77 27.15
N HIS C 22 19.11 -32.18 27.33
CA HIS C 22 18.41 -33.00 26.34
C HIS C 22 17.00 -32.48 26.12
N ARG C 23 16.19 -33.22 25.36
CA ARG C 23 14.86 -32.74 24.98
C ARG C 23 14.05 -32.31 26.19
N ALA C 24 14.10 -33.09 27.27
CA ALA C 24 13.30 -32.77 28.44
C ALA C 24 13.71 -31.43 29.05
N PHE C 25 15.01 -31.21 29.23
CA PHE C 25 15.48 -29.95 29.79
C PHE C 25 15.12 -28.79 28.89
N THR C 26 15.30 -28.95 27.58
CA THR C 26 14.94 -27.90 26.65
C THR C 26 13.46 -27.56 26.78
N PHE C 27 12.61 -28.57 26.93
CA PHE C 27 11.19 -28.27 27.02
C PHE C 27 10.82 -27.66 28.37
N THR C 28 11.55 -28.00 29.42
CA THR C 28 11.39 -27.25 30.67
C THR C 28 11.70 -25.77 30.45
N VAL C 29 12.81 -25.50 29.77
CA VAL C 29 13.17 -24.10 29.48
C VAL C 29 12.06 -23.42 28.69
N ILE C 30 11.56 -24.10 27.65
CA ILE C 30 10.52 -23.51 26.82
C ILE C 30 9.28 -23.23 27.66
N ALA C 31 8.90 -24.17 28.52
CA ALA C 31 7.73 -23.96 29.37
C ALA C 31 7.92 -22.74 30.25
N LEU C 32 9.09 -22.61 30.85
CA LEU C 32 9.36 -21.45 31.70
C LEU C 32 9.24 -20.17 30.90
N ILE C 33 9.78 -20.15 29.68
CA ILE C 33 9.70 -18.94 28.87
C ILE C 33 8.24 -18.60 28.57
N LEU C 34 7.47 -19.58 28.12
CA LEU C 34 6.07 -19.31 27.82
C LEU C 34 5.32 -18.85 29.06
N PHE C 35 5.67 -19.39 30.22
CA PHE C 35 4.99 -18.99 31.44
C PHE C 35 5.32 -17.56 31.82
N ASN C 36 6.60 -17.19 31.68
CA ASN C 36 6.96 -15.79 31.92
C ASN C 36 6.26 -14.87 30.95
N ALA C 37 6.13 -15.29 29.69
CA ALA C 37 5.39 -14.51 28.71
C ALA C 37 3.95 -14.29 29.17
N LEU C 38 3.29 -15.38 29.56
CA LEU C 38 1.91 -15.28 30.01
C LEU C 38 1.79 -14.35 31.21
N ILE C 39 2.74 -14.43 32.14
CA ILE C 39 2.62 -13.65 33.36
C ILE C 39 2.86 -12.18 33.07
N VAL C 40 3.82 -11.87 32.21
CA VAL C 40 4.06 -10.49 31.85
C VAL C 40 2.87 -9.92 31.10
N GLY C 41 2.22 -10.76 30.29
CA GLY C 41 0.99 -10.31 29.65
C GLY C 41 -0.09 -9.97 30.65
N ILE C 42 -0.34 -10.88 31.58
CA ILE C 42 -1.39 -10.67 32.57
C ILE C 42 -1.13 -9.39 33.35
N GLU C 43 0.12 -9.19 33.78
CA GLU C 43 0.39 -8.09 34.71
C GLU C 43 0.10 -6.73 34.10
N THR C 44 -0.31 -6.70 32.83
CA THR C 44 -0.66 -5.46 32.16
C THR C 44 -2.12 -5.09 32.35
N TYR C 45 -2.79 -5.71 33.32
CA TYR C 45 -4.16 -5.36 33.64
C TYR C 45 -4.18 -4.74 35.03
N PRO C 46 -4.69 -3.52 35.19
CA PRO C 46 -4.63 -2.88 36.51
C PRO C 46 -5.39 -3.63 37.60
N ARG C 47 -6.63 -4.03 37.33
CA ARG C 47 -7.38 -4.80 38.30
C ARG C 47 -6.59 -6.02 38.75
N ILE C 48 -6.29 -6.91 37.80
CA ILE C 48 -5.57 -8.14 38.10
C ILE C 48 -4.22 -7.88 38.74
N TYR C 49 -3.74 -6.64 38.71
CA TYR C 49 -2.42 -6.37 39.26
C TYR C 49 -2.48 -5.88 40.69
N ALA C 50 -3.26 -4.82 40.95
CA ALA C 50 -3.35 -4.26 42.30
C ALA C 50 -3.55 -5.35 43.33
N ASP C 51 -4.46 -6.29 43.06
CA ASP C 51 -4.81 -7.32 44.02
C ASP C 51 -3.63 -8.22 44.37
N HIS C 52 -3.12 -8.94 43.39
CA HIS C 52 -2.11 -9.98 43.63
C HIS C 52 -0.69 -9.46 43.49
N LYS C 53 -0.48 -8.16 43.72
CA LYS C 53 0.83 -7.55 43.52
C LYS C 53 1.94 -8.42 44.09
N TRP C 54 1.83 -8.77 45.37
CA TRP C 54 2.87 -9.56 46.02
C TRP C 54 3.14 -10.85 45.27
N LEU C 55 2.07 -11.57 44.93
CA LEU C 55 2.24 -12.83 44.23
C LEU C 55 3.00 -12.64 42.94
N PHE C 56 2.60 -11.65 42.13
CA PHE C 56 3.28 -11.40 40.87
C PHE C 56 4.75 -11.11 41.10
N TYR C 57 5.05 -10.25 42.07
CA TYR C 57 6.44 -9.88 42.30
C TYR C 57 7.26 -11.12 42.67
N ARG C 58 6.74 -11.95 43.57
CA ARG C 58 7.51 -13.12 43.98
C ARG C 58 7.66 -14.12 42.84
N ILE C 59 6.63 -14.28 42.02
CA ILE C 59 6.76 -15.10 40.84
C ILE C 59 7.90 -14.60 39.97
N ASP C 60 7.93 -13.28 39.75
CA ASP C 60 8.99 -12.70 38.94
C ASP C 60 10.36 -12.99 39.54
N LEU C 61 10.48 -12.88 40.86
CA LEU C 61 11.75 -13.18 41.52
C LEU C 61 12.19 -14.60 41.24
N VAL C 62 11.29 -15.55 41.46
CA VAL C 62 11.64 -16.95 41.23
C VAL C 62 12.04 -17.18 39.78
N LEU C 63 11.27 -16.59 38.85
CA LEU C 63 11.59 -16.74 37.44
C LEU C 63 12.99 -16.21 37.15
N LEU C 64 13.31 -15.04 37.71
CA LEU C 64 14.62 -14.45 37.48
C LEU C 64 15.73 -15.38 37.97
N TRP C 65 15.56 -15.93 39.16
CA TRP C 65 16.59 -16.83 39.68
C TRP C 65 16.70 -18.09 38.82
N ILE C 66 15.58 -18.63 38.41
CA ILE C 66 15.57 -19.91 37.70
C ILE C 66 16.09 -19.71 36.29
N PHE C 67 16.11 -18.46 35.83
CA PHE C 67 16.74 -18.16 34.55
C PHE C 67 18.22 -17.89 34.71
N THR C 68 18.60 -17.23 35.80
CA THR C 68 20.02 -17.00 36.05
C THR C 68 20.75 -18.32 36.22
N ILE C 69 20.21 -19.22 37.04
CA ILE C 69 20.88 -20.51 37.21
C ILE C 69 20.84 -21.29 35.90
N GLU C 70 19.82 -21.05 35.08
CA GLU C 70 19.79 -21.66 33.75
C GLU C 70 21.01 -21.24 32.94
N ILE C 71 21.20 -19.94 32.78
CA ILE C 71 22.35 -19.46 32.02
C ILE C 71 23.65 -19.92 32.66
N ALA C 72 23.68 -20.02 33.99
CA ALA C 72 24.90 -20.45 34.67
C ALA C 72 25.24 -21.88 34.33
N MET C 73 24.24 -22.77 34.35
CA MET C 73 24.46 -24.14 33.93
C MET C 73 24.92 -24.18 32.48
N ARG C 74 24.25 -23.41 31.62
CA ARG C 74 24.65 -23.35 30.22
C ARG C 74 26.13 -23.00 30.09
N PHE C 75 26.57 -22.00 30.84
CA PHE C 75 27.96 -21.56 30.84
C PHE C 75 28.87 -22.70 31.29
N LEU C 76 28.71 -23.10 32.55
CA LEU C 76 29.63 -24.07 33.13
C LEU C 76 29.67 -25.36 32.32
N ALA C 77 28.53 -26.02 32.19
CA ALA C 77 28.51 -27.37 31.64
C ALA C 77 29.15 -27.47 30.27
N SER C 78 29.39 -26.36 29.58
CA SER C 78 29.93 -26.40 28.23
C SER C 78 31.20 -25.57 28.13
N ASN C 79 32.32 -26.29 27.92
CA ASN C 79 33.69 -25.78 27.75
C ASN C 79 33.95 -24.41 28.36
N PRO C 80 33.89 -24.33 29.69
CA PRO C 80 34.03 -23.07 30.41
C PRO C 80 35.27 -22.30 30.00
N LYS C 81 36.43 -22.93 30.16
CA LYS C 81 37.67 -22.32 29.68
C LYS C 81 37.54 -21.94 28.21
N SER C 82 36.63 -22.59 27.49
CA SER C 82 36.54 -22.19 26.09
C SER C 82 35.71 -20.95 26.08
N ALA C 83 35.72 -20.35 24.91
CA ALA C 83 35.08 -19.05 24.80
C ALA C 83 33.62 -19.10 25.22
N PHE C 84 32.80 -19.86 24.49
CA PHE C 84 31.37 -19.95 24.76
C PHE C 84 30.67 -18.65 24.38
N PHE C 85 31.45 -17.63 24.03
CA PHE C 85 30.91 -16.33 23.70
C PHE C 85 30.80 -16.10 22.21
N ARG C 86 31.19 -17.06 21.39
CA ARG C 86 31.01 -16.92 19.96
C ARG C 86 29.54 -16.70 19.63
N SER C 87 28.69 -17.61 20.06
CA SER C 87 27.27 -17.49 19.76
C SER C 87 26.67 -16.18 20.25
N SER C 88 26.25 -15.33 19.30
CA SER C 88 25.61 -14.07 19.66
C SER C 88 24.45 -14.31 20.61
N TRP C 89 23.75 -15.42 20.44
CA TRP C 89 22.59 -15.71 21.27
C TRP C 89 22.97 -15.74 22.75
N ASN C 90 23.90 -16.62 23.12
CA ASN C 90 24.36 -16.66 24.49
C ASN C 90 24.67 -15.27 25.00
N TRP C 91 25.25 -14.41 24.16
CA TRP C 91 25.46 -13.02 24.54
C TRP C 91 24.13 -12.34 24.88
N PHE C 92 23.11 -12.60 24.06
CA PHE C 92 21.81 -11.97 24.29
C PHE C 92 21.24 -12.38 25.64
N ASP C 93 21.18 -13.68 25.89
CA ASP C 93 20.69 -14.18 27.18
C ASP C 93 21.50 -13.60 28.33
N PHE C 94 22.83 -13.60 28.17
CA PHE C 94 23.71 -13.07 29.20
C PHE C 94 23.34 -11.64 29.54
N LEU C 95 23.28 -10.78 28.54
CA LEU C 95 23.01 -9.37 28.79
C LEU C 95 21.65 -9.18 29.43
N ILE C 96 20.64 -9.92 28.96
CA ILE C 96 19.31 -9.78 29.54
C ILE C 96 19.36 -10.11 31.02
N VAL C 97 19.92 -11.27 31.38
CA VAL C 97 19.94 -11.68 32.78
C VAL C 97 20.76 -10.69 33.60
N THR C 98 21.87 -10.21 33.06
CA THR C 98 22.68 -9.24 33.78
C THR C 98 21.87 -8.01 34.14
N LEU C 99 21.33 -7.34 33.11
CA LEU C 99 20.59 -6.11 33.35
C LEU C 99 19.39 -6.34 34.25
N SER C 100 18.79 -7.51 34.19
CA SER C 100 17.64 -7.76 35.06
C SER C 100 18.05 -7.99 36.49
N LEU C 101 19.20 -8.63 36.73
CA LEU C 101 19.71 -8.79 38.08
C LEU C 101 20.14 -7.46 38.67
N VAL C 102 20.76 -6.61 37.84
CA VAL C 102 21.29 -5.34 38.33
C VAL C 102 20.25 -4.57 39.11
N GLU C 103 18.97 -4.82 38.84
CA GLU C 103 17.93 -4.23 39.66
C GLU C 103 18.05 -4.62 41.12
N LEU C 104 18.77 -5.69 41.41
CA LEU C 104 18.92 -6.15 42.79
C LEU C 104 20.20 -5.69 43.48
N PHE C 105 21.30 -5.63 42.75
CA PHE C 105 22.58 -5.24 43.34
C PHE C 105 23.12 -3.87 42.99
N LEU C 106 22.39 -3.09 42.20
CA LEU C 106 22.88 -1.76 41.84
C LEU C 106 22.16 -0.62 42.52
N ALA C 107 22.12 0.52 41.84
CA ALA C 107 21.52 1.73 42.37
C ALA C 107 19.99 1.85 42.38
N ASP C 108 19.50 2.80 41.58
CA ASP C 108 18.08 3.12 41.51
C ASP C 108 17.51 2.83 40.13
N VAL C 109 17.15 1.58 39.90
CA VAL C 109 16.60 1.15 38.62
C VAL C 109 15.29 0.41 38.83
N GLU C 110 14.35 1.03 39.53
CA GLU C 110 13.05 0.41 39.79
C GLU C 110 12.32 0.06 38.50
N GLY C 111 11.90 1.08 37.77
CA GLY C 111 11.20 0.90 36.52
C GLY C 111 11.43 2.08 35.62
N LEU C 112 10.69 3.16 35.88
CA LEU C 112 10.79 4.40 35.12
C LEU C 112 10.56 4.21 33.61
N SER C 113 9.60 3.36 33.27
CA SER C 113 9.25 3.04 31.89
C SER C 113 10.45 2.60 31.06
N VAL C 114 11.30 1.75 31.63
CA VAL C 114 12.47 1.26 30.91
C VAL C 114 13.00 -0.09 31.39
N LEU C 115 12.65 -0.49 32.60
CA LEU C 115 13.14 -1.78 33.09
C LEU C 115 12.12 -2.86 32.72
N ARG C 116 10.85 -2.48 32.72
CA ARG C 116 9.79 -3.41 32.35
C ARG C 116 9.92 -3.85 30.91
N ILE C 117 10.33 -2.94 30.02
CA ILE C 117 10.62 -3.33 28.66
C ILE C 117 11.62 -4.48 28.66
N LEU C 118 12.51 -4.52 29.64
CA LEU C 118 13.48 -5.61 29.68
C LEU C 118 12.81 -6.93 30.00
N ARG C 119 11.95 -6.95 31.03
CA ARG C 119 11.22 -8.17 31.33
C ARG C 119 10.46 -8.66 30.12
N VAL C 120 9.85 -7.74 29.38
CA VAL C 120 9.09 -8.14 28.20
C VAL C 120 10.04 -8.72 27.16
N LEU C 121 11.06 -7.97 26.78
CA LEU C 121 12.04 -8.45 25.81
C LEU C 121 12.56 -9.82 26.17
N ARG C 122 12.52 -10.17 27.46
CA ARG C 122 12.94 -11.50 27.88
C ARG C 122 12.24 -12.60 27.09
N VAL C 123 11.17 -12.28 26.37
CA VAL C 123 10.43 -13.30 25.64
C VAL C 123 11.18 -13.76 24.40
N LEU C 124 12.03 -12.91 23.84
CA LEU C 124 12.68 -13.25 22.59
C LEU C 124 13.47 -14.54 22.68
N ARG C 125 13.87 -14.95 23.87
CA ARG C 125 14.58 -16.22 24.01
C ARG C 125 13.79 -17.37 23.41
N ALA C 126 12.47 -17.22 23.30
CA ALA C 126 11.68 -18.19 22.56
C ALA C 126 12.16 -18.37 21.15
N ILE C 127 12.94 -17.41 20.63
CA ILE C 127 13.57 -17.59 19.34
C ILE C 127 14.88 -18.35 19.49
N SER C 128 15.56 -18.18 20.62
CA SER C 128 16.81 -18.90 20.82
C SER C 128 16.58 -20.39 20.98
N VAL C 129 15.52 -20.76 21.69
CA VAL C 129 15.30 -22.18 21.99
C VAL C 129 14.89 -22.93 20.73
N VAL C 130 13.76 -22.56 20.13
CA VAL C 130 13.21 -23.30 19.00
C VAL C 130 14.21 -23.34 17.86
N PRO C 131 14.71 -24.52 17.48
CA PRO C 131 15.74 -24.57 16.43
C PRO C 131 15.33 -23.89 15.15
N SER C 132 14.10 -24.15 14.67
CA SER C 132 13.70 -23.56 13.40
C SER C 132 13.72 -22.05 13.45
N LEU C 133 13.25 -21.47 14.55
CA LEU C 133 13.18 -20.02 14.64
C LEU C 133 14.58 -19.42 14.57
N ARG C 134 15.52 -19.98 15.32
CA ARG C 134 16.89 -19.51 15.26
C ARG C 134 17.44 -19.65 13.85
N ARG C 135 17.21 -20.80 13.22
CA ARG C 135 17.69 -21.00 11.88
C ARG C 135 17.16 -19.94 10.93
N LEU C 136 15.89 -19.58 11.09
CA LEU C 136 15.28 -18.59 10.19
C LEU C 136 15.85 -17.21 10.45
N VAL C 137 15.80 -16.76 11.71
CA VAL C 137 16.30 -15.43 12.05
C VAL C 137 17.75 -15.27 11.59
N ASP C 138 18.52 -16.35 11.61
CA ASP C 138 19.91 -16.26 11.18
C ASP C 138 20.00 -15.70 9.77
N ALA C 139 19.31 -16.33 8.82
CA ALA C 139 19.33 -15.82 7.45
C ALA C 139 18.65 -14.47 7.36
N LEU C 140 17.49 -14.32 8.02
CA LEU C 140 16.76 -13.07 7.94
C LEU C 140 17.62 -11.89 8.39
N VAL C 141 18.66 -12.14 9.17
CA VAL C 141 19.61 -11.10 9.52
C VAL C 141 20.76 -11.04 8.52
N MET C 142 21.40 -12.18 8.26
CA MET C 142 22.56 -12.20 7.39
C MET C 142 22.27 -11.50 6.08
N THR C 143 21.02 -11.51 5.62
CA THR C 143 20.69 -10.87 4.34
C THR C 143 20.52 -9.37 4.45
N ILE C 144 20.92 -8.75 5.55
CA ILE C 144 20.88 -7.29 5.64
C ILE C 144 22.09 -6.71 4.92
N PRO C 145 23.31 -7.10 5.30
CA PRO C 145 24.50 -6.57 4.58
C PRO C 145 24.40 -6.75 3.08
N ALA C 146 23.65 -7.75 2.62
CA ALA C 146 23.37 -7.86 1.19
C ALA C 146 22.81 -6.56 0.65
N LEU C 147 21.86 -5.97 1.37
CA LEU C 147 21.29 -4.71 0.93
C LEU C 147 22.38 -3.65 0.92
N GLY C 148 22.90 -3.31 2.09
CA GLY C 148 24.07 -2.45 2.13
C GLY C 148 23.84 -1.13 1.43
N ASN C 149 24.43 -1.00 0.24
CA ASN C 149 24.36 0.20 -0.56
C ASN C 149 22.96 0.84 -0.56
N ILE C 150 21.96 0.09 -1.01
CA ILE C 150 20.63 0.67 -1.17
C ILE C 150 20.22 1.43 0.08
N LEU C 151 20.59 0.92 1.26
CA LEU C 151 20.29 1.64 2.48
C LEU C 151 21.00 2.98 2.50
N ILE C 152 22.25 3.02 2.04
CA ILE C 152 22.98 4.28 2.00
C ILE C 152 22.33 5.23 1.02
N LEU C 153 21.89 4.72 -0.12
CA LEU C 153 21.22 5.57 -1.10
C LEU C 153 19.96 6.16 -0.53
N MET C 154 19.13 5.33 0.09
CA MET C 154 17.91 5.85 0.72
C MET C 154 18.25 6.85 1.80
N SER C 155 19.34 6.64 2.53
CA SER C 155 19.72 7.61 3.56
C SER C 155 20.11 8.94 2.96
N ILE C 156 20.89 8.91 1.87
CA ILE C 156 21.28 10.15 1.22
C ILE C 156 20.07 10.89 0.70
N PHE C 157 19.14 10.16 0.08
CA PHE C 157 17.93 10.77 -0.47
C PHE C 157 17.09 11.38 0.63
N PHE C 158 16.86 10.62 1.69
CA PHE C 158 16.16 11.15 2.85
C PHE C 158 16.81 12.43 3.34
N TYR C 159 18.14 12.44 3.42
CA TYR C 159 18.81 13.63 3.95
C TYR C 159 18.62 14.83 3.04
N ILE C 160 18.86 14.65 1.73
CA ILE C 160 18.69 15.74 0.79
C ILE C 160 17.28 16.30 0.89
N PHE C 161 16.29 15.44 0.72
CA PHE C 161 14.91 15.87 0.73
C PHE C 161 14.47 16.48 2.06
N ALA C 162 15.05 16.01 3.15
CA ALA C 162 14.71 16.59 4.45
C ALA C 162 15.29 17.99 4.59
N VAL C 163 16.54 18.18 4.18
CA VAL C 163 17.14 19.50 4.24
C VAL C 163 16.35 20.48 3.38
N ILE C 164 16.02 20.07 2.16
CA ILE C 164 15.31 20.97 1.26
C ILE C 164 13.94 21.29 1.80
N GLY C 165 13.19 20.28 2.21
CA GLY C 165 11.87 20.51 2.76
C GLY C 165 11.92 21.43 3.96
N THR C 166 12.90 21.24 4.84
CA THR C 166 13.07 22.16 5.95
C THR C 166 13.24 23.58 5.44
N MET C 167 14.33 23.82 4.72
CA MET C 167 14.64 25.19 4.33
C MET C 167 13.54 25.83 3.50
N LEU C 168 12.64 25.04 2.91
CA LEU C 168 11.56 25.62 2.11
C LEU C 168 10.30 25.84 2.93
N PHE C 169 9.74 24.79 3.49
CA PHE C 169 8.44 24.83 4.13
C PHE C 169 8.51 25.04 5.63
N GLN C 170 9.69 25.36 6.17
CA GLN C 170 9.82 25.49 7.60
C GLN C 170 8.94 26.59 8.18
N HIS C 171 8.47 27.51 7.35
CA HIS C 171 7.60 28.58 7.82
C HIS C 171 6.16 28.43 7.38
N VAL C 172 5.87 27.50 6.48
CA VAL C 172 4.51 27.27 6.01
C VAL C 172 3.84 26.14 6.79
N SER C 173 4.60 25.11 7.14
CA SER C 173 4.07 23.96 7.88
C SER C 173 5.03 23.60 8.99
N PRO C 174 4.97 24.33 10.11
CA PRO C 174 5.94 24.09 11.19
C PRO C 174 5.74 22.78 11.91
N GLU C 175 4.66 22.07 11.65
CA GLU C 175 4.41 20.80 12.32
C GLU C 175 5.03 19.63 11.60
N TYR C 176 5.17 19.70 10.29
CA TYR C 176 5.74 18.62 9.51
C TYR C 176 7.18 18.89 9.11
N PHE C 177 7.50 20.14 8.78
CA PHE C 177 8.83 20.49 8.33
C PHE C 177 9.45 21.55 9.24
N GLY C 178 9.27 21.41 10.55
CA GLY C 178 9.79 22.41 11.46
C GLY C 178 11.28 22.33 11.68
N ASN C 179 11.85 21.13 11.71
CA ASN C 179 13.25 20.94 12.03
C ASN C 179 13.88 19.99 11.03
N LEU C 180 15.17 19.76 11.20
CA LEU C 180 15.85 18.79 10.37
C LEU C 180 15.34 17.38 10.65
N GLN C 181 14.88 17.12 11.86
CA GLN C 181 14.35 15.81 12.21
C GLN C 181 12.84 15.76 12.23
N LEU C 182 12.19 16.78 12.77
CA LEU C 182 10.73 16.85 12.69
C LEU C 182 10.23 16.60 11.30
N SER C 183 11.04 16.91 10.28
CA SER C 183 10.67 16.64 8.90
C SER C 183 11.28 15.36 8.39
N LEU C 184 12.33 14.85 9.04
CA LEU C 184 12.78 13.51 8.74
C LEU C 184 11.72 12.49 9.09
N LEU C 185 10.74 12.88 9.89
CA LEU C 185 9.63 12.01 10.22
C LEU C 185 8.54 12.11 9.17
N THR C 186 8.24 13.34 8.72
CA THR C 186 7.30 13.53 7.63
C THR C 186 7.74 12.77 6.39
N LEU C 187 9.02 12.89 6.03
CA LEU C 187 9.49 12.17 4.88
C LEU C 187 9.41 10.67 5.07
N PHE C 188 9.30 10.19 6.30
CA PHE C 188 9.12 8.76 6.49
C PHE C 188 7.66 8.37 6.37
N GLN C 189 6.78 9.20 6.90
CA GLN C 189 5.35 8.97 6.73
C GLN C 189 4.92 9.09 5.29
N VAL C 190 5.68 9.80 4.46
CA VAL C 190 5.30 10.00 3.08
C VAL C 190 5.81 8.91 2.14
N VAL C 191 6.83 8.15 2.54
CA VAL C 191 7.24 7.02 1.72
C VAL C 191 6.37 5.80 1.98
N THR C 192 5.66 5.75 3.09
CA THR C 192 4.66 4.73 3.31
C THR C 192 3.30 5.15 2.76
N LEU C 193 3.18 6.38 2.27
CA LEU C 193 2.03 6.84 1.52
C LEU C 193 0.81 7.04 2.42
N GLU C 194 1.01 7.53 3.63
CA GLU C 194 -0.09 7.81 4.54
C GLU C 194 -0.57 9.24 4.34
N SER C 195 -1.64 9.39 3.57
CA SER C 195 -2.25 10.70 3.43
C SER C 195 -1.19 11.75 3.16
N TRP C 196 -0.19 11.40 2.35
CA TRP C 196 0.83 12.39 2.01
C TRP C 196 0.22 13.41 1.05
N ALA C 197 -0.92 13.08 0.45
CA ALA C 197 -1.58 14.02 -0.44
C ALA C 197 -2.75 14.72 0.22
N SER C 198 -3.26 14.20 1.32
CA SER C 198 -4.41 14.82 1.95
C SER C 198 -4.09 15.48 3.28
N GLY C 199 -3.01 15.10 3.92
CA GLY C 199 -2.66 15.74 5.17
C GLY C 199 -1.36 16.50 5.11
N VAL C 200 -0.40 16.00 4.32
CA VAL C 200 0.91 16.62 4.25
C VAL C 200 0.98 17.66 3.15
N MET C 201 0.60 17.29 1.92
CA MET C 201 0.81 18.17 0.78
C MET C 201 -0.38 19.08 0.52
N ARG C 202 -1.57 18.52 0.37
CA ARG C 202 -2.74 19.28 0.00
C ARG C 202 -2.82 20.60 0.76
N PRO C 203 -2.51 20.62 2.06
CA PRO C 203 -2.55 21.90 2.79
C PRO C 203 -1.36 22.79 2.56
N ILE C 204 -0.21 22.26 2.13
CA ILE C 204 0.90 23.10 1.77
C ILE C 204 0.73 23.64 0.36
N PHE C 205 0.43 22.75 -0.57
CA PHE C 205 0.24 23.10 -1.98
C PHE C 205 -0.72 24.26 -2.13
N ALA C 206 -1.48 24.56 -1.08
CA ALA C 206 -2.39 25.69 -1.13
C ALA C 206 -1.68 27.02 -0.95
N GLU C 207 -0.51 27.04 -0.33
CA GLU C 207 0.24 28.29 -0.13
C GLU C 207 1.38 28.43 -1.12
N VAL C 208 2.31 27.49 -1.12
CA VAL C 208 3.41 27.55 -2.08
C VAL C 208 3.01 26.68 -3.27
N PRO C 209 2.48 27.28 -4.33
CA PRO C 209 1.83 26.48 -5.37
C PRO C 209 2.79 25.63 -6.19
N TRP C 210 4.08 25.91 -6.16
CA TRP C 210 5.01 25.07 -6.89
C TRP C 210 5.55 23.92 -6.05
N SER C 211 4.93 23.65 -4.90
CA SER C 211 5.39 22.57 -4.05
C SER C 211 5.04 21.21 -4.62
N TRP C 212 4.03 21.13 -5.47
CA TRP C 212 3.64 19.85 -6.04
C TRP C 212 4.81 19.11 -6.63
N LEU C 213 5.91 19.81 -6.94
CA LEU C 213 7.10 19.14 -7.42
C LEU C 213 7.69 18.28 -6.32
N TYR C 214 8.15 18.94 -5.26
CA TYR C 214 8.77 18.33 -4.07
C TYR C 214 8.21 16.98 -3.66
N PHE C 215 6.91 16.92 -3.39
CA PHE C 215 6.24 15.68 -3.03
C PHE C 215 6.21 14.72 -4.20
N VAL C 216 5.66 15.15 -5.33
CA VAL C 216 5.61 14.25 -6.47
C VAL C 216 6.98 13.65 -6.70
N SER C 217 7.98 14.52 -6.87
CA SER C 217 9.31 14.02 -7.15
C SER C 217 9.72 12.98 -6.11
N PHE C 218 9.63 13.34 -4.83
CA PHE C 218 9.94 12.38 -3.80
C PHE C 218 9.18 11.08 -4.03
N VAL C 219 7.86 11.16 -4.03
CA VAL C 219 7.05 9.95 -4.07
C VAL C 219 7.44 9.09 -5.26
N LEU C 220 7.99 9.69 -6.31
CA LEU C 220 8.43 8.87 -7.42
C LEU C 220 9.77 8.23 -7.06
N ILE C 221 10.80 9.06 -6.87
CA ILE C 221 12.14 8.53 -6.63
C ILE C 221 12.11 7.55 -5.48
N GLY C 222 11.61 8.00 -4.33
CA GLY C 222 11.49 7.14 -3.18
C GLY C 222 10.98 5.79 -3.61
N THR C 223 9.77 5.77 -4.17
CA THR C 223 9.19 4.52 -4.62
C THR C 223 10.16 3.79 -5.54
N PHE C 224 10.57 4.45 -6.61
CA PHE C 224 11.47 3.83 -7.57
C PHE C 224 12.65 3.18 -6.87
N ILE C 225 13.19 3.83 -5.85
CA ILE C 225 14.31 3.24 -5.12
C ILE C 225 13.82 2.02 -4.36
N ILE C 226 12.84 2.22 -3.47
CA ILE C 226 12.35 1.13 -2.64
C ILE C 226 12.06 -0.09 -3.49
N PHE C 227 11.16 0.08 -4.45
CA PHE C 227 10.82 -1.00 -5.38
C PHE C 227 12.05 -1.78 -5.80
N ASN C 228 13.08 -1.09 -6.30
CA ASN C 228 14.24 -1.80 -6.82
C ASN C 228 14.94 -2.59 -5.74
N LEU C 229 15.14 -1.99 -4.57
CA LEU C 229 15.60 -2.74 -3.41
C LEU C 229 14.89 -4.08 -3.34
N PHE C 230 13.56 -4.03 -3.38
CA PHE C 230 12.75 -5.24 -3.38
C PHE C 230 13.31 -6.21 -4.42
N ILE C 231 13.25 -5.82 -5.69
CA ILE C 231 13.70 -6.73 -6.75
C ILE C 231 15.08 -7.25 -6.43
N GLY C 232 15.95 -6.39 -5.92
CA GLY C 232 17.29 -6.81 -5.61
C GLY C 232 17.29 -8.06 -4.75
N VAL C 233 16.64 -7.97 -3.59
CA VAL C 233 16.71 -9.04 -2.61
C VAL C 233 16.03 -10.29 -3.14
N ILE C 234 15.41 -10.20 -4.31
CA ILE C 234 14.85 -11.39 -4.94
C ILE C 234 15.93 -12.12 -5.72
N VAL C 235 16.68 -11.41 -6.57
CA VAL C 235 17.69 -12.04 -7.41
C VAL C 235 18.90 -12.39 -6.56
N ASN C 236 18.85 -12.06 -5.28
CA ASN C 236 19.83 -12.55 -4.34
C ASN C 236 19.36 -13.80 -3.62
N ASN C 237 18.06 -14.07 -3.61
CA ASN C 237 17.51 -15.23 -2.93
C ASN C 237 16.89 -16.22 -3.91
N VAL C 238 15.93 -15.79 -4.72
CA VAL C 238 15.21 -16.75 -5.57
C VAL C 238 16.17 -17.46 -6.50
N GLU C 239 17.28 -16.82 -6.86
CA GLU C 239 18.32 -17.52 -7.61
C GLU C 239 18.86 -18.71 -6.83
N LYS C 240 19.37 -18.46 -5.64
CA LYS C 240 19.92 -19.51 -4.80
C LYS C 240 19.32 -19.49 -3.40
N GLU D 1 24.63 -2.64 64.83
CA GLU D 1 25.52 -2.63 63.68
C GLU D 1 24.72 -2.48 62.38
N CYS D 2 25.33 -1.82 61.40
CA CYS D 2 24.69 -1.63 60.10
C CYS D 2 25.02 -2.75 59.13
N LEU D 3 23.99 -3.41 58.62
CA LEU D 3 24.17 -4.50 57.67
C LEU D 3 24.56 -3.96 56.30
N GLU D 4 25.17 -4.81 55.48
CA GLU D 4 25.60 -4.40 54.15
C GLU D 4 24.51 -4.62 53.10
N ILE D 5 24.92 -5.06 51.92
CA ILE D 5 23.99 -5.31 50.83
C ILE D 5 23.23 -6.61 51.05
N PHE D 6 22.10 -6.77 50.34
CA PHE D 6 21.25 -7.95 50.44
C PHE D 6 20.92 -8.29 51.89
N LYS D 7 20.31 -7.34 52.58
CA LYS D 7 19.92 -7.53 53.98
C LYS D 7 18.49 -7.04 54.22
N ALA D 8 17.65 -7.92 54.72
CA ALA D 8 16.25 -7.59 54.99
C ALA D 8 16.10 -6.34 55.83
N CYS D 9 15.99 -5.19 55.17
CA CYS D 9 15.84 -3.91 55.86
C CYS D 9 14.40 -3.66 56.27
N ASN D 10 14.18 -2.56 56.99
CA ASN D 10 12.85 -2.20 57.45
C ASN D 10 12.39 -0.87 56.85
N PRO D 11 11.16 -0.85 56.31
CA PRO D 11 10.58 0.35 55.69
C PRO D 11 10.61 1.57 56.62
N SER D 12 10.26 1.36 57.88
CA SER D 12 10.25 2.44 58.85
C SER D 12 11.66 2.79 59.34
N ASN D 13 12.29 1.83 60.03
CA ASN D 13 13.64 2.04 60.55
C ASN D 13 14.71 1.58 59.57
N ASP D 14 15.42 2.54 58.99
CA ASP D 14 16.47 2.24 58.03
C ASP D 14 17.78 1.87 58.71
N GLN D 15 18.21 0.63 58.47
CA GLN D 15 19.47 0.14 59.06
C GLN D 15 20.60 0.18 58.04
N CYS D 16 20.26 0.56 56.80
CA CYS D 16 21.23 0.66 55.73
C CYS D 16 22.39 1.55 56.15
N CYS D 17 23.57 0.96 56.33
CA CYS D 17 24.74 1.72 56.73
C CYS D 17 25.00 2.85 55.72
N LYS D 18 25.17 4.06 56.23
CA LYS D 18 25.41 5.22 55.37
C LYS D 18 26.88 5.37 54.95
N SER D 19 27.75 4.57 55.54
CA SER D 19 29.17 4.62 55.23
C SER D 19 29.44 4.16 53.80
N SER D 20 28.66 3.18 53.35
CA SER D 20 28.79 2.65 52.00
C SER D 20 27.73 3.24 51.07
N LYS D 21 27.20 4.39 51.46
CA LYS D 21 26.17 5.09 50.68
C LYS D 21 25.03 4.16 50.29
N LEU D 22 24.30 3.67 51.29
CA LEU D 22 23.19 2.76 51.06
C LEU D 22 21.86 3.38 51.46
N VAL D 23 20.78 2.87 50.85
CA VAL D 23 19.43 3.35 51.14
C VAL D 23 18.44 2.20 51.10
N CYS D 24 17.95 1.80 52.28
CA CYS D 24 17.00 0.72 52.39
C CYS D 24 15.71 1.02 51.64
N SER D 25 15.13 -0.01 51.04
CA SER D 25 13.88 0.14 50.29
C SER D 25 12.84 -0.89 50.73
N ARG D 26 11.68 -0.84 50.10
CA ARG D 26 10.59 -1.76 50.42
C ARG D 26 10.22 -2.61 49.21
N LYS D 27 10.58 -2.13 48.03
CA LYS D 27 10.28 -2.84 46.78
C LYS D 27 10.80 -4.26 46.84
N THR D 28 12.06 -4.42 47.24
CA THR D 28 12.68 -5.73 47.34
C THR D 28 12.83 -6.15 48.79
N ARG D 29 12.20 -5.38 49.69
CA ARG D 29 12.26 -5.68 51.13
C ARG D 29 13.67 -5.88 51.68
N TRP D 30 14.66 -5.21 51.09
CA TRP D 30 16.05 -5.31 51.56
C TRP D 30 16.87 -4.07 51.21
N CYS D 31 18.13 -4.09 51.63
CA CYS D 31 19.04 -2.97 51.40
C CYS D 31 19.86 -3.09 50.13
N LYS D 32 19.90 -2.01 49.36
CA LYS D 32 20.66 -1.95 48.12
C LYS D 32 21.47 -0.66 48.09
N TYR D 33 22.30 -0.50 47.06
CA TYR D 33 23.12 0.71 46.94
C TYR D 33 22.37 1.96 46.49
N GLN D 34 23.06 3.09 46.57
CA GLN D 34 22.48 4.38 46.18
C GLN D 34 23.44 5.18 45.31
N ILE D 35 22.90 5.94 44.38
CA ILE D 35 23.70 6.75 43.48
C ILE D 35 23.10 8.14 43.30
N LYS E 15 -29.44 -52.27 -5.60
CA LYS E 15 -28.12 -51.83 -5.16
C LYS E 15 -27.63 -50.67 -6.01
N MET E 16 -27.38 -49.53 -5.38
CA MET E 16 -26.98 -48.32 -6.10
C MET E 16 -25.54 -48.47 -6.57
N GLN E 17 -25.37 -49.24 -7.65
CA GLN E 17 -24.06 -49.45 -8.24
C GLN E 17 -24.02 -49.06 -9.70
N LYS E 18 -25.01 -48.30 -10.17
CA LYS E 18 -24.97 -47.75 -11.51
C LYS E 18 -24.32 -46.38 -11.49
N ILE E 19 -23.90 -45.93 -12.68
CA ILE E 19 -23.22 -44.65 -12.80
C ILE E 19 -24.27 -43.54 -12.79
N VAL E 20 -24.56 -43.01 -11.60
CA VAL E 20 -25.64 -42.04 -11.46
C VAL E 20 -25.14 -40.61 -11.38
N ASN E 21 -23.83 -40.39 -11.39
CA ASN E 21 -23.24 -39.07 -11.25
C ASN E 21 -22.43 -38.76 -12.50
N HIS E 22 -23.00 -37.96 -13.39
CA HIS E 22 -22.33 -37.55 -14.63
C HIS E 22 -22.50 -36.05 -14.86
N ARG E 23 -22.06 -35.58 -16.03
CA ARG E 23 -22.05 -34.14 -16.30
C ARG E 23 -23.41 -33.51 -16.04
N ALA E 24 -24.49 -34.17 -16.45
CA ALA E 24 -25.82 -33.59 -16.30
C ALA E 24 -26.16 -33.41 -14.83
N PHE E 25 -25.93 -34.44 -14.01
CA PHE E 25 -26.24 -34.33 -12.59
C PHE E 25 -25.39 -33.25 -11.93
N THR E 26 -24.10 -33.22 -12.27
CA THR E 26 -23.24 -32.16 -11.73
C THR E 26 -23.76 -30.79 -12.07
N PHE E 27 -24.24 -30.60 -13.30
CA PHE E 27 -24.72 -29.27 -13.67
C PHE E 27 -26.05 -28.96 -13.02
N THR E 28 -26.88 -29.98 -12.75
CA THR E 28 -28.05 -29.74 -11.92
C THR E 28 -27.63 -29.22 -10.56
N VAL E 29 -26.64 -29.87 -9.94
CA VAL E 29 -26.14 -29.43 -8.64
C VAL E 29 -25.67 -27.98 -8.73
N ILE E 30 -24.88 -27.67 -9.76
CA ILE E 30 -24.35 -26.32 -9.90
C ILE E 30 -25.49 -25.32 -10.03
N ALA E 31 -26.49 -25.66 -10.83
CA ALA E 31 -27.62 -24.76 -11.01
C ALA E 31 -28.32 -24.50 -9.68
N LEU E 32 -28.53 -25.56 -8.91
CA LEU E 32 -29.16 -25.38 -7.60
C LEU E 32 -28.34 -24.47 -6.71
N ILE E 33 -27.02 -24.65 -6.72
CA ILE E 33 -26.17 -23.82 -5.87
C ILE E 33 -26.29 -22.36 -6.29
N LEU E 34 -26.17 -22.10 -7.59
CA LEU E 34 -26.27 -20.72 -8.07
C LEU E 34 -27.63 -20.13 -7.74
N PHE E 35 -28.67 -20.94 -7.81
CA PHE E 35 -30.01 -20.43 -7.52
C PHE E 35 -30.15 -20.09 -6.05
N ASN E 36 -29.62 -20.94 -5.17
CA ASN E 36 -29.64 -20.62 -3.75
C ASN E 36 -28.84 -19.36 -3.48
N ALA E 37 -27.72 -19.19 -4.17
CA ALA E 37 -26.94 -17.96 -4.03
C ALA E 37 -27.78 -16.75 -4.40
N LEU E 38 -28.43 -16.81 -5.56
CA LEU E 38 -29.26 -15.70 -6.00
C LEU E 38 -30.36 -15.41 -4.99
N ILE E 39 -30.97 -16.45 -4.44
CA ILE E 39 -32.11 -16.22 -3.56
C ILE E 39 -31.64 -15.63 -2.24
N VAL E 40 -30.51 -16.11 -1.72
CA VAL E 40 -30.00 -15.54 -0.48
C VAL E 40 -29.58 -14.09 -0.70
N GLY E 41 -29.07 -13.78 -1.89
CA GLY E 41 -28.78 -12.39 -2.20
C GLY E 41 -30.03 -11.54 -2.18
N ILE E 42 -31.06 -11.97 -2.89
CA ILE E 42 -32.30 -11.20 -2.96
C ILE E 42 -32.86 -10.96 -1.57
N GLU E 43 -32.89 -12.00 -0.74
CA GLU E 43 -33.60 -11.89 0.52
C GLU E 43 -32.99 -10.84 1.44
N THR E 44 -31.91 -10.21 1.01
CA THR E 44 -31.28 -9.15 1.79
C THR E 44 -31.85 -7.78 1.48
N TYR E 45 -33.02 -7.72 0.86
CA TYR E 45 -33.71 -6.48 0.60
C TYR E 45 -34.98 -6.45 1.42
N PRO E 46 -35.19 -5.45 2.27
CA PRO E 46 -36.38 -5.48 3.15
C PRO E 46 -37.69 -5.45 2.38
N ARG E 47 -37.83 -4.54 1.42
CA ARG E 47 -39.05 -4.51 0.62
C ARG E 47 -39.32 -5.87 0.01
N ILE E 48 -38.41 -6.35 -0.82
CA ILE E 48 -38.59 -7.63 -1.49
C ILE E 48 -38.77 -8.79 -0.53
N TYR E 49 -38.52 -8.57 0.77
CA TYR E 49 -38.63 -9.67 1.72
C TYR E 49 -39.98 -9.68 2.41
N ALA E 50 -40.36 -8.55 3.02
CA ALA E 50 -41.62 -8.51 3.74
C ALA E 50 -42.76 -9.09 2.93
N ASP E 51 -42.84 -8.74 1.66
CA ASP E 51 -43.94 -9.16 0.80
C ASP E 51 -44.00 -10.66 0.64
N HIS E 52 -42.97 -11.25 0.03
CA HIS E 52 -42.99 -12.66 -0.34
C HIS E 52 -42.40 -13.57 0.72
N LYS E 53 -42.45 -13.15 1.99
CA LYS E 53 -41.82 -13.92 3.06
C LYS E 53 -42.11 -15.41 2.93
N TRP E 54 -43.40 -15.76 2.85
CA TRP E 54 -43.78 -17.16 2.79
C TRP E 54 -43.09 -17.87 1.62
N LEU E 55 -43.12 -17.24 0.45
CA LEU E 55 -42.51 -17.86 -0.73
C LEU E 55 -41.03 -18.13 -0.48
N PHE E 56 -40.31 -17.13 0.03
CA PHE E 56 -38.89 -17.30 0.28
C PHE E 56 -38.66 -18.44 1.25
N TYR E 57 -39.42 -18.48 2.34
CA TYR E 57 -39.21 -19.53 3.32
C TYR E 57 -39.41 -20.90 2.71
N ARG E 58 -40.50 -21.07 1.95
CA ARG E 58 -40.76 -22.39 1.38
C ARG E 58 -39.71 -22.76 0.33
N ILE E 59 -39.23 -21.79 -0.44
CA ILE E 59 -38.12 -22.06 -1.35
C ILE E 59 -36.93 -22.57 -0.58
N ASP E 60 -36.60 -21.90 0.52
CA ASP E 60 -35.48 -22.32 1.34
C ASP E 60 -35.67 -23.75 1.83
N LEU E 61 -36.88 -24.08 2.27
CA LEU E 61 -37.16 -25.44 2.72
C LEU E 61 -36.88 -26.45 1.63
N VAL E 62 -37.43 -26.21 0.44
CA VAL E 62 -37.23 -27.16 -0.66
C VAL E 62 -35.74 -27.28 -0.98
N LEU E 63 -35.03 -26.16 -1.01
CA LEU E 63 -33.61 -26.20 -1.30
C LEU E 63 -32.88 -27.04 -0.26
N LEU E 64 -33.23 -26.85 1.01
CA LEU E 64 -32.58 -27.61 2.07
C LEU E 64 -32.79 -29.10 1.87
N TRP E 65 -34.03 -29.51 1.57
CA TRP E 65 -34.29 -30.93 1.37
C TRP E 65 -33.53 -31.46 0.16
N ILE E 66 -33.52 -30.69 -0.92
CA ILE E 66 -32.95 -31.16 -2.17
C ILE E 66 -31.43 -31.20 -2.07
N PHE E 67 -30.89 -30.49 -1.08
CA PHE E 67 -29.46 -30.59 -0.80
C PHE E 67 -29.15 -31.74 0.14
N THR E 68 -30.03 -31.97 1.12
CA THR E 68 -29.84 -33.11 2.01
C THR E 68 -29.88 -34.42 1.24
N ILE E 69 -30.90 -34.59 0.38
CA ILE E 69 -30.97 -35.82 -0.40
C ILE E 69 -29.79 -35.89 -1.36
N GLU E 70 -29.28 -34.73 -1.79
CA GLU E 70 -28.09 -34.72 -2.62
C GLU E 70 -26.92 -35.35 -1.88
N ILE E 71 -26.61 -34.84 -0.69
CA ILE E 71 -25.51 -35.40 0.09
C ILE E 71 -25.78 -36.87 0.40
N ALA E 72 -27.04 -37.23 0.63
CA ALA E 72 -27.37 -38.61 0.96
C ALA E 72 -27.06 -39.54 -0.22
N MET E 73 -27.44 -39.14 -1.42
CA MET E 73 -27.08 -39.91 -2.60
C MET E 73 -25.57 -40.00 -2.73
N ARG E 74 -24.88 -38.87 -2.56
CA ARG E 74 -23.43 -38.87 -2.62
C ARG E 74 -22.84 -39.92 -1.67
N PHE E 75 -23.35 -39.96 -0.44
CA PHE E 75 -22.90 -40.91 0.55
C PHE E 75 -23.16 -42.33 0.09
N LEU E 76 -24.43 -42.68 -0.06
CA LEU E 76 -24.80 -44.06 -0.36
C LEU E 76 -24.11 -44.55 -1.63
N ALA E 77 -24.38 -43.89 -2.75
CA ALA E 77 -23.97 -44.42 -4.05
C ALA E 77 -22.48 -44.71 -4.14
N SER E 78 -21.68 -44.22 -3.20
CA SER E 78 -20.23 -44.38 -3.28
C SER E 78 -19.69 -45.03 -2.01
N ASN E 79 -19.22 -46.28 -2.17
CA ASN E 79 -18.62 -47.15 -1.14
C ASN E 79 -19.00 -46.82 0.29
N PRO E 80 -20.29 -47.02 0.61
CA PRO E 80 -20.84 -46.66 1.93
C PRO E 80 -20.02 -47.24 3.06
N LYS E 81 -19.89 -48.57 3.09
CA LYS E 81 -19.02 -49.20 4.06
C LYS E 81 -17.62 -48.59 4.03
N SER E 82 -17.25 -47.98 2.89
CA SER E 82 -15.92 -47.41 2.91
C SER E 82 -16.04 -46.09 3.60
N ALA E 83 -14.89 -45.54 3.87
CA ALA E 83 -14.86 -44.34 4.68
C ALA E 83 -15.70 -43.24 4.07
N PHE E 84 -15.30 -42.75 2.89
CA PHE E 84 -16.00 -41.66 2.23
C PHE E 84 -15.73 -40.34 2.94
N PHE E 85 -15.09 -40.41 4.11
CA PHE E 85 -14.83 -39.24 4.92
C PHE E 85 -13.42 -38.72 4.76
N ARG E 86 -12.61 -39.35 3.92
CA ARG E 86 -11.27 -38.81 3.66
C ARG E 86 -11.37 -37.39 3.11
N SER E 87 -12.11 -37.22 2.03
CA SER E 87 -12.22 -35.91 1.42
C SER E 87 -12.76 -34.86 2.38
N SER E 88 -11.93 -33.88 2.73
CA SER E 88 -12.35 -32.80 3.61
C SER E 88 -13.61 -32.14 3.08
N TRP E 89 -13.75 -32.07 1.75
CA TRP E 89 -14.90 -31.41 1.17
C TRP E 89 -16.20 -32.06 1.62
N ASN E 90 -16.34 -33.37 1.36
CA ASN E 90 -17.52 -34.08 1.83
C ASN E 90 -17.81 -33.76 3.27
N TRP E 91 -16.77 -33.64 4.10
CA TRP E 91 -16.97 -33.21 5.48
C TRP E 91 -17.61 -31.83 5.54
N PHE E 92 -17.16 -30.91 4.69
CA PHE E 92 -17.70 -29.57 4.69
C PHE E 92 -19.20 -29.58 4.36
N ASP E 93 -19.55 -30.23 3.25
CA ASP E 93 -20.96 -30.35 2.88
C ASP E 93 -21.77 -30.99 3.99
N PHE E 94 -21.23 -32.07 4.56
CA PHE E 94 -21.92 -32.78 5.63
C PHE E 94 -22.24 -31.83 6.77
N LEU E 95 -21.23 -31.14 7.28
CA LEU E 95 -21.45 -30.27 8.44
C LEU E 95 -22.44 -29.16 8.11
N ILE E 96 -22.34 -28.58 6.92
CA ILE E 96 -23.27 -27.52 6.55
C ILE E 96 -24.70 -28.04 6.61
N VAL E 97 -24.95 -29.18 5.94
CA VAL E 97 -26.32 -29.69 5.90
C VAL E 97 -26.79 -30.07 7.29
N THR E 98 -25.91 -30.65 8.10
CA THR E 98 -26.28 -31.01 9.46
C THR E 98 -26.76 -29.79 10.23
N LEU E 99 -25.88 -28.79 10.34
CA LEU E 99 -26.22 -27.61 11.12
C LEU E 99 -27.45 -26.92 10.58
N SER E 100 -27.67 -26.98 9.27
CA SER E 100 -28.85 -26.32 8.72
C SER E 100 -30.12 -27.09 9.01
N LEU E 101 -30.05 -28.43 9.02
CA LEU E 101 -31.22 -29.22 9.40
C LEU E 101 -31.54 -29.06 10.88
N VAL E 102 -30.51 -28.98 11.72
CA VAL E 102 -30.71 -28.91 13.16
C VAL E 102 -31.70 -27.82 13.52
N GLU E 103 -31.84 -26.80 12.67
CA GLU E 103 -32.88 -25.81 12.89
C GLU E 103 -34.27 -26.42 12.91
N LEU E 104 -34.41 -27.63 12.37
CA LEU E 104 -35.71 -28.28 12.33
C LEU E 104 -35.96 -29.28 13.46
N PHE E 105 -34.93 -30.02 13.85
CA PHE E 105 -35.10 -31.03 14.88
C PHE E 105 -34.49 -30.73 16.26
N LEU E 106 -33.88 -29.56 16.42
CA LEU E 106 -33.30 -29.24 17.72
C LEU E 106 -34.07 -28.21 18.53
N ALA E 107 -33.34 -27.47 19.35
CA ALA E 107 -33.93 -26.48 20.24
C ALA E 107 -34.36 -25.14 19.64
N ASP E 108 -33.69 -24.08 20.08
CA ASP E 108 -34.00 -22.71 19.71
C ASP E 108 -32.87 -22.08 18.90
N VAL E 109 -32.88 -22.34 17.60
CA VAL E 109 -31.85 -21.81 16.71
C VAL E 109 -32.49 -21.13 15.51
N GLU E 110 -33.37 -20.17 15.78
CA GLU E 110 -34.06 -19.45 14.71
C GLU E 110 -33.07 -18.72 13.80
N GLY E 111 -32.42 -17.71 14.35
CA GLY E 111 -31.45 -16.94 13.59
C GLY E 111 -30.42 -16.35 14.53
N LEU E 112 -30.81 -15.25 15.19
CA LEU E 112 -29.95 -14.54 16.15
C LEU E 112 -28.60 -14.12 15.56
N SER E 113 -28.62 -13.67 14.31
CA SER E 113 -27.43 -13.21 13.59
C SER E 113 -26.33 -14.27 13.57
N VAL E 114 -26.70 -15.52 13.33
CA VAL E 114 -25.70 -16.59 13.30
C VAL E 114 -26.10 -17.81 12.47
N LEU E 115 -27.40 -18.00 12.22
CA LEU E 115 -27.83 -19.13 11.43
C LEU E 115 -27.86 -18.74 9.97
N ARG E 116 -28.19 -17.48 9.71
CA ARG E 116 -28.23 -16.98 8.34
C ARG E 116 -26.86 -16.99 7.71
N ILE E 117 -25.82 -16.68 8.51
CA ILE E 117 -24.46 -16.83 8.01
C ILE E 117 -24.26 -18.22 7.47
N LEU E 118 -24.93 -19.21 8.04
CA LEU E 118 -24.78 -20.58 7.55
C LEU E 118 -25.39 -20.74 6.17
N ARG E 119 -26.62 -20.25 5.99
CA ARG E 119 -27.22 -20.31 4.66
C ARG E 119 -26.32 -19.64 3.63
N VAL E 120 -25.73 -18.52 4.00
CA VAL E 120 -24.85 -17.83 3.05
C VAL E 120 -23.63 -18.67 2.75
N LEU E 121 -22.91 -19.09 3.80
CA LEU E 121 -21.74 -19.93 3.62
C LEU E 121 -22.05 -21.13 2.74
N ARG E 122 -23.31 -21.55 2.70
CA ARG E 122 -23.69 -22.65 1.83
C ARG E 122 -23.23 -22.43 0.39
N VAL E 123 -22.83 -21.22 0.02
CA VAL E 123 -22.44 -20.94 -1.35
C VAL E 123 -21.07 -21.53 -1.67
N LEU E 124 -20.22 -21.70 -0.66
CA LEU E 124 -18.86 -22.14 -0.93
C LEU E 124 -18.83 -23.46 -1.67
N ARG E 125 -19.88 -24.27 -1.59
CA ARG E 125 -19.90 -25.52 -2.33
C ARG E 125 -19.64 -25.29 -3.82
N ALA E 126 -19.92 -24.08 -4.31
CA ALA E 126 -19.53 -23.74 -5.66
C ALA E 126 -18.04 -23.93 -5.90
N ILE E 127 -17.26 -23.99 -4.82
CA ILE E 127 -15.85 -24.33 -4.97
C ILE E 127 -15.68 -25.84 -5.01
N SER E 128 -16.55 -26.58 -4.31
CA SER E 128 -16.42 -28.03 -4.31
C SER E 128 -16.76 -28.60 -5.68
N VAL E 129 -17.77 -28.06 -6.34
CA VAL E 129 -18.24 -28.63 -7.59
C VAL E 129 -17.21 -28.40 -8.70
N VAL E 130 -16.94 -27.13 -9.02
CA VAL E 130 -16.09 -26.77 -10.14
C VAL E 130 -14.71 -27.39 -9.96
N PRO E 131 -14.31 -28.32 -10.84
CA PRO E 131 -13.00 -28.98 -10.64
C PRO E 131 -11.85 -28.01 -10.51
N SER E 132 -11.76 -27.01 -11.38
CA SER E 132 -10.62 -26.11 -11.34
C SER E 132 -10.55 -25.38 -10.00
N LEU E 133 -11.70 -24.94 -9.49
CA LEU E 133 -11.68 -24.19 -8.25
C LEU E 133 -11.16 -25.05 -7.10
N ARG E 134 -11.64 -26.29 -7.02
CA ARG E 134 -11.14 -27.19 -5.99
C ARG E 134 -9.64 -27.41 -6.15
N ARG E 135 -9.21 -27.64 -7.39
CA ARG E 135 -7.80 -27.86 -7.64
C ARG E 135 -6.98 -26.68 -7.16
N LEU E 136 -7.47 -25.47 -7.39
CA LEU E 136 -6.73 -24.28 -6.99
C LEU E 136 -6.69 -24.13 -5.49
N VAL E 137 -7.86 -24.14 -4.86
CA VAL E 137 -7.93 -23.98 -3.41
C VAL E 137 -7.06 -25.01 -2.71
N ASP E 138 -6.94 -26.20 -3.29
CA ASP E 138 -6.11 -27.24 -2.67
C ASP E 138 -4.70 -26.72 -2.44
N ALA E 139 -4.05 -26.25 -3.50
CA ALA E 139 -2.69 -25.72 -3.34
C ALA E 139 -2.70 -24.45 -2.50
N LEU E 140 -3.65 -23.55 -2.76
CA LEU E 140 -3.69 -22.30 -2.01
C LEU E 140 -3.77 -22.53 -0.52
N VAL E 141 -4.23 -23.70 -0.10
CA VAL E 141 -4.21 -24.07 1.31
C VAL E 141 -2.92 -24.79 1.66
N MET E 142 -2.58 -25.84 0.91
CA MET E 142 -1.40 -26.63 1.24
C MET E 142 -0.18 -25.76 1.44
N THR E 143 -0.11 -24.61 0.77
CA THR E 143 1.05 -23.74 0.90
C THR E 143 1.02 -22.86 2.15
N ILE E 144 0.13 -23.15 3.10
CA ILE E 144 0.16 -22.42 4.36
C ILE E 144 1.25 -22.99 5.26
N PRO E 145 1.22 -24.29 5.55
CA PRO E 145 2.29 -24.87 6.39
C PRO E 145 3.67 -24.54 5.88
N ALA E 146 3.82 -24.31 4.58
CA ALA E 146 5.09 -23.83 4.06
C ALA E 146 5.53 -22.58 4.81
N LEU E 147 4.62 -21.65 5.05
CA LEU E 147 4.96 -20.45 5.79
C LEU E 147 5.38 -20.83 7.19
N GLY E 148 4.46 -21.37 7.97
CA GLY E 148 4.82 -21.93 9.25
C GLY E 148 5.53 -20.94 10.14
N ASN E 149 6.85 -21.12 10.27
CA ASN E 149 7.69 -20.27 11.11
C ASN E 149 7.32 -18.80 11.03
N ILE E 150 7.41 -18.22 9.83
CA ILE E 150 7.21 -16.77 9.69
C ILE E 150 5.96 -16.33 10.43
N LEU E 151 4.91 -17.15 10.40
CA LEU E 151 3.71 -16.81 11.15
C LEU E 151 4.00 -16.75 12.64
N ILE E 152 4.81 -17.69 13.14
CA ILE E 152 5.16 -17.67 14.56
C ILE E 152 5.98 -16.44 14.88
N LEU E 153 6.90 -16.07 13.99
CA LEU E 153 7.71 -14.88 14.21
C LEU E 153 6.84 -13.63 14.28
N MET E 154 5.94 -13.48 13.31
CA MET E 154 5.02 -12.35 13.34
C MET E 154 4.17 -12.36 14.59
N SER E 155 3.78 -13.54 15.06
CA SER E 155 2.98 -13.61 16.28
C SER E 155 3.79 -13.15 17.49
N ILE E 156 5.03 -13.59 17.59
CA ILE E 156 5.88 -13.16 18.70
C ILE E 156 6.07 -11.65 18.68
N PHE E 157 6.34 -11.12 17.50
CA PHE E 157 6.56 -9.68 17.36
C PHE E 157 5.30 -8.90 17.74
N PHE E 158 4.16 -9.32 17.20
CA PHE E 158 2.90 -8.71 17.59
C PHE E 158 2.73 -8.73 19.09
N TYR E 159 3.04 -9.86 19.73
CA TYR E 159 2.83 -9.95 21.17
C TYR E 159 3.74 -8.99 21.92
N ILE E 160 5.03 -9.01 21.60
CA ILE E 160 5.98 -8.12 22.28
C ILE E 160 5.51 -6.68 22.14
N PHE E 161 5.32 -6.24 20.91
CA PHE E 161 4.93 -4.86 20.65
C PHE E 161 3.58 -4.47 21.26
N ALA E 162 2.68 -5.43 21.36
CA ALA E 162 1.39 -5.15 21.98
C ALA E 162 1.53 -4.97 23.47
N VAL E 163 2.31 -5.84 24.12
CA VAL E 163 2.52 -5.71 25.55
C VAL E 163 3.19 -4.38 25.86
N ILE E 164 4.23 -4.03 25.10
CA ILE E 164 4.96 -2.80 25.36
C ILE E 164 4.06 -1.59 25.13
N GLY E 165 3.37 -1.56 23.99
CA GLY E 165 2.47 -0.46 23.73
C GLY E 165 1.42 -0.30 24.79
N THR E 166 0.86 -1.41 25.26
CA THR E 166 -0.08 -1.33 26.37
C THR E 166 0.57 -0.67 27.56
N MET E 167 1.60 -1.31 28.12
CA MET E 167 2.16 -0.81 29.37
C MET E 167 2.68 0.61 29.24
N LEU E 168 2.92 1.11 28.02
CA LEU E 168 3.41 2.48 27.86
C LEU E 168 2.28 3.48 27.66
N PHE E 169 1.50 3.29 26.60
CA PHE E 169 0.51 4.27 26.19
C PHE E 169 -0.88 3.99 26.73
N GLN E 170 -1.03 3.05 27.65
CA GLN E 170 -2.35 2.69 28.13
C GLN E 170 -3.07 3.85 28.79
N HIS E 171 -2.34 4.88 29.21
CA HIS E 171 -2.95 6.02 29.84
C HIS E 171 -2.98 7.26 28.96
N VAL E 172 -2.27 7.25 27.84
CA VAL E 172 -2.24 8.38 26.92
C VAL E 172 -3.27 8.21 25.80
N SER E 173 -3.46 7.00 25.33
CA SER E 173 -4.41 6.71 24.25
C SER E 173 -5.22 5.48 24.61
N PRO E 174 -6.25 5.64 25.44
CA PRO E 174 -7.01 4.48 25.92
C PRO E 174 -7.86 3.84 24.85
N GLU E 175 -7.98 4.46 23.68
CA GLU E 175 -8.80 3.89 22.61
C GLU E 175 -8.02 2.94 21.73
N TYR E 176 -6.72 3.16 21.57
CA TYR E 176 -5.90 2.30 20.73
C TYR E 176 -5.08 1.32 21.53
N PHE E 177 -4.57 1.73 22.69
CA PHE E 177 -3.72 0.89 23.51
C PHE E 177 -4.32 0.69 24.90
N GLY E 178 -5.63 0.49 24.97
CA GLY E 178 -6.27 0.35 26.26
C GLY E 178 -6.05 -1.00 26.92
N ASN E 179 -6.01 -2.08 26.15
CA ASN E 179 -5.92 -3.42 26.69
C ASN E 179 -4.86 -4.20 25.94
N LEU E 180 -4.66 -5.43 26.36
CA LEU E 180 -3.74 -6.31 25.65
C LEU E 180 -4.27 -6.64 24.26
N GLN E 181 -5.58 -6.64 24.08
CA GLN E 181 -6.17 -6.92 22.78
C GLN E 181 -6.64 -5.67 22.06
N LEU E 182 -7.26 -4.74 22.76
CA LEU E 182 -7.61 -3.47 22.14
C LEU E 182 -6.45 -2.87 21.40
N SER E 183 -5.23 -3.16 21.82
CA SER E 183 -4.03 -2.69 21.14
C SER E 183 -3.47 -3.73 20.19
N LEU E 184 -3.81 -5.00 20.37
CA LEU E 184 -3.51 -5.98 19.35
C LEU E 184 -4.23 -5.67 18.06
N LEU E 185 -5.26 -4.83 18.11
CA LEU E 185 -5.97 -4.40 16.93
C LEU E 185 -5.29 -3.19 16.30
N THR E 186 -4.83 -2.25 17.13
CA THR E 186 -4.06 -1.12 16.63
C THR E 186 -2.81 -1.60 15.92
N LEU E 187 -2.08 -2.53 16.53
CA LEU E 187 -0.90 -3.04 15.86
C LEU E 187 -1.23 -3.75 14.58
N PHE E 188 -2.47 -4.16 14.37
CA PHE E 188 -2.82 -4.77 13.09
C PHE E 188 -3.17 -3.70 12.08
N GLN E 189 -3.86 -2.66 12.51
CA GLN E 189 -4.14 -1.54 11.61
C GLN E 189 -2.88 -0.81 11.22
N VAL E 190 -1.81 -0.91 12.00
CA VAL E 190 -0.59 -0.19 11.71
C VAL E 190 0.37 -0.96 10.80
N VAL E 191 0.22 -2.27 10.69
CA VAL E 191 1.03 -3.00 9.72
C VAL E 191 0.44 -2.93 8.33
N THR E 192 -0.84 -2.61 8.21
CA THR E 192 -1.42 -2.30 6.90
C THR E 192 -1.26 -0.83 6.54
N LEU E 193 -0.73 -0.02 7.45
CA LEU E 193 -0.32 1.34 7.16
C LEU E 193 -1.51 2.27 6.98
N GLU E 194 -2.57 2.07 7.75
CA GLU E 194 -3.73 2.94 7.68
C GLU E 194 -3.57 4.10 8.65
N SER E 195 -3.14 5.24 8.13
CA SER E 195 -3.09 6.43 8.96
C SER E 195 -2.43 6.11 10.30
N TRP E 196 -1.39 5.28 10.28
CA TRP E 196 -0.70 4.98 11.52
C TRP E 196 0.13 6.21 11.93
N ALA E 197 0.33 7.13 10.99
CA ALA E 197 1.06 8.35 11.32
C ALA E 197 0.15 9.54 11.54
N SER E 198 -1.09 9.47 11.09
CA SER E 198 -1.98 10.61 11.23
C SER E 198 -3.10 10.38 12.23
N GLY E 199 -3.41 9.14 12.54
CA GLY E 199 -4.46 8.89 13.51
C GLY E 199 -3.96 8.18 14.75
N VAL E 200 -2.98 7.31 14.58
CA VAL E 200 -2.46 6.52 15.69
C VAL E 200 -1.32 7.22 16.39
N MET E 201 -0.29 7.62 15.64
CA MET E 201 0.93 8.14 16.26
C MET E 201 0.91 9.64 16.45
N ARG E 202 0.65 10.39 15.39
CA ARG E 202 0.72 11.83 15.44
C ARG E 202 0.08 12.39 16.71
N PRO E 203 -1.05 11.85 17.15
CA PRO E 203 -1.67 12.36 18.38
C PRO E 203 -1.03 11.85 19.65
N ILE E 204 -0.34 10.72 19.61
CA ILE E 204 0.42 10.27 20.79
C ILE E 204 1.74 10.99 20.86
N PHE E 205 2.48 11.01 19.76
CA PHE E 205 3.79 11.64 19.68
C PHE E 205 3.74 13.06 20.22
N ALA E 206 2.55 13.62 20.35
CA ALA E 206 2.41 14.96 20.91
C ALA E 206 2.56 14.98 22.43
N GLU E 207 2.30 13.87 23.11
CA GLU E 207 2.43 13.82 24.55
C GLU E 207 3.73 13.13 24.99
N VAL E 208 3.93 11.88 24.60
CA VAL E 208 5.17 11.19 24.94
C VAL E 208 6.11 11.37 23.76
N PRO E 209 7.01 12.34 23.81
CA PRO E 209 7.76 12.72 22.60
C PRO E 209 8.75 11.68 22.14
N TRP E 210 9.12 10.71 22.96
CA TRP E 210 10.03 9.67 22.51
C TRP E 210 9.29 8.47 21.93
N SER E 211 7.98 8.60 21.67
CA SER E 211 7.22 7.50 21.12
C SER E 211 7.56 7.24 19.66
N TRP E 212 8.07 8.25 18.95
CA TRP E 212 8.39 8.05 17.55
C TRP E 212 9.25 6.83 17.32
N LEU E 213 9.91 6.33 18.36
CA LEU E 213 10.67 5.10 18.22
C LEU E 213 9.73 3.93 17.97
N TYR E 214 8.89 3.65 18.97
CA TYR E 214 7.91 2.57 18.99
C TYR E 214 7.24 2.27 17.63
N PHE E 215 6.60 3.28 17.06
CA PHE E 215 5.96 3.16 15.77
C PHE E 215 6.99 2.97 14.68
N VAL E 216 7.93 3.88 14.56
CA VAL E 216 8.93 3.73 13.50
C VAL E 216 9.52 2.33 13.56
N SER E 217 10.03 1.95 14.73
CA SER E 217 10.65 0.64 14.85
C SER E 217 9.70 -0.43 14.35
N PHE E 218 8.48 -0.46 14.88
CA PHE E 218 7.50 -1.42 14.41
C PHE E 218 7.41 -1.38 12.90
N VAL E 219 7.02 -0.22 12.37
CA VAL E 219 6.74 -0.13 10.95
C VAL E 219 7.90 -0.64 10.13
N LEU E 220 9.12 -0.56 10.68
CA LEU E 220 10.24 -1.11 9.93
C LEU E 220 10.25 -2.62 10.06
N ILE E 221 10.42 -3.11 11.28
CA ILE E 221 10.55 -4.56 11.47
C ILE E 221 9.37 -5.27 10.87
N GLY E 222 8.17 -4.88 11.28
CA GLY E 222 6.97 -5.45 10.71
C GLY E 222 7.12 -5.59 9.22
N THR E 223 7.29 -4.46 8.54
CA THR E 223 7.45 -4.50 7.10
C THR E 223 8.55 -5.47 6.71
N PHE E 224 9.75 -5.26 7.25
CA PHE E 224 10.87 -6.11 6.91
C PHE E 224 10.51 -7.58 7.03
N ILE E 225 9.75 -7.94 8.06
CA ILE E 225 9.32 -9.32 8.21
C ILE E 225 8.35 -9.69 7.10
N ILE E 226 7.24 -8.96 7.01
CA ILE E 226 6.21 -9.26 6.02
C ILE E 226 6.85 -9.44 4.65
N PHE E 227 7.51 -8.39 4.18
CA PHE E 227 8.21 -8.44 2.90
C PHE E 227 8.91 -9.76 2.69
N ASN E 228 9.74 -10.18 3.65
CA ASN E 228 10.53 -11.39 3.46
C ASN E 228 9.63 -12.62 3.31
N LEU E 229 8.63 -12.73 4.18
CA LEU E 229 7.60 -13.75 3.98
C LEU E 229 7.22 -13.82 2.52
N PHE E 230 6.86 -12.69 1.95
CA PHE E 230 6.54 -12.59 0.54
C PHE E 230 7.61 -13.32 -0.27
N ILE E 231 8.83 -12.80 -0.23
CA ILE E 231 9.90 -13.39 -1.03
C ILE E 231 9.97 -14.88 -0.80
N GLY E 232 9.80 -15.30 0.45
CA GLY E 232 9.86 -16.71 0.76
C GLY E 232 8.95 -17.51 -0.14
N VAL E 233 7.66 -17.17 -0.11
CA VAL E 233 6.66 -17.98 -0.79
C VAL E 233 6.87 -17.90 -2.30
N ILE E 234 7.81 -17.07 -2.74
CA ILE E 234 8.15 -17.07 -4.16
C ILE E 234 9.15 -18.16 -4.48
N VAL E 235 10.23 -18.26 -3.70
CA VAL E 235 11.28 -19.23 -3.97
C VAL E 235 10.80 -20.61 -3.53
N ASN E 236 9.58 -20.67 -3.00
CA ASN E 236 8.94 -21.96 -2.78
C ASN E 236 8.02 -22.34 -3.92
N ASN E 237 7.61 -21.37 -4.75
CA ASN E 237 6.71 -21.63 -5.85
C ASN E 237 7.37 -21.39 -7.20
N VAL E 238 7.91 -20.19 -7.45
CA VAL E 238 8.43 -19.88 -8.77
C VAL E 238 9.53 -20.84 -9.15
N GLU E 239 10.25 -21.38 -8.17
CA GLU E 239 11.23 -22.43 -8.46
C GLU E 239 10.54 -23.64 -9.10
N LYS E 240 9.57 -24.21 -8.38
CA LYS E 240 8.85 -25.38 -8.86
C LYS E 240 7.34 -25.15 -8.83
N GLU F 1 -54.77 -36.14 22.62
CA GLU F 1 -53.40 -36.63 22.80
C GLU F 1 -52.39 -35.61 22.29
N CYS F 2 -51.21 -35.59 22.92
CA CYS F 2 -50.16 -34.67 22.53
C CYS F 2 -49.22 -35.30 21.50
N LEU F 3 -49.08 -34.64 20.36
CA LEU F 3 -48.22 -35.13 19.29
C LEU F 3 -46.75 -34.89 19.65
N GLU F 4 -45.86 -35.64 19.03
CA GLU F 4 -44.44 -35.51 19.29
C GLU F 4 -43.78 -34.48 18.38
N ILE F 5 -42.56 -34.77 17.93
CA ILE F 5 -41.82 -33.88 17.05
C ILE F 5 -42.36 -33.92 15.63
N PHE F 6 -42.03 -32.91 14.85
CA PHE F 6 -42.46 -32.80 13.46
C PHE F 6 -43.97 -33.00 13.31
N LYS F 7 -44.74 -32.17 14.00
CA LYS F 7 -46.20 -32.24 13.96
C LYS F 7 -46.80 -30.85 13.79
N ALA F 8 -47.59 -30.68 12.74
CA ALA F 8 -48.23 -29.40 12.45
C ALA F 8 -48.98 -28.84 13.66
N CYS F 9 -48.29 -28.03 14.45
CA CYS F 9 -48.89 -27.43 15.64
C CYS F 9 -49.69 -26.18 15.29
N ASN F 10 -50.35 -25.60 16.30
CA ASN F 10 -51.15 -24.40 16.10
C ASN F 10 -50.61 -23.23 16.91
N PRO F 11 -50.46 -22.07 16.26
CA PRO F 11 -49.93 -20.86 16.90
C PRO F 11 -50.72 -20.48 18.16
N SER F 12 -52.04 -20.56 18.10
CA SER F 12 -52.88 -20.24 19.24
C SER F 12 -52.90 -21.35 20.27
N ASN F 13 -53.45 -22.50 19.89
CA ASN F 13 -53.54 -23.65 20.79
C ASN F 13 -52.32 -24.56 20.67
N ASP F 14 -51.49 -24.56 21.70
CA ASP F 14 -50.28 -25.39 21.71
C ASP F 14 -50.57 -26.82 22.12
N GLN F 15 -50.33 -27.75 21.20
CA GLN F 15 -50.55 -29.16 21.47
C GLN F 15 -49.25 -29.87 21.81
N CYS F 16 -48.15 -29.14 21.72
CA CYS F 16 -46.82 -29.67 22.01
C CYS F 16 -46.81 -30.29 23.40
N CYS F 17 -46.70 -31.62 23.46
CA CYS F 17 -46.66 -32.32 24.74
C CYS F 17 -45.54 -31.77 25.61
N LYS F 18 -45.87 -31.42 26.85
CA LYS F 18 -44.89 -30.85 27.78
C LYS F 18 -44.06 -31.92 28.49
N SER F 19 -44.43 -33.19 28.32
CA SER F 19 -43.70 -34.29 28.95
C SER F 19 -42.30 -34.43 28.36
N SER F 20 -42.18 -34.16 27.06
CA SER F 20 -40.90 -34.24 26.38
C SER F 20 -40.28 -32.86 26.21
N LYS F 21 -40.70 -31.92 27.06
CA LYS F 21 -40.21 -30.54 27.02
C LYS F 21 -40.26 -29.95 25.62
N LEU F 22 -41.46 -29.81 25.07
CA LEU F 22 -41.63 -29.26 23.74
C LEU F 22 -42.35 -27.92 23.74
N VAL F 23 -42.14 -27.13 22.69
CA VAL F 23 -42.77 -25.83 22.56
C VAL F 23 -43.12 -25.56 21.10
N CYS F 24 -44.41 -25.59 20.78
CA CYS F 24 -44.87 -25.36 19.43
C CYS F 24 -44.51 -23.96 18.95
N SER F 25 -44.20 -23.85 17.67
CA SER F 25 -43.84 -22.56 17.07
C SER F 25 -44.65 -22.28 15.81
N ARG F 26 -44.38 -21.15 15.18
CA ARG F 26 -45.08 -20.77 13.96
C ARG F 26 -44.10 -20.61 12.81
N LYS F 27 -42.82 -20.41 13.14
CA LYS F 27 -41.79 -20.24 12.12
C LYS F 27 -41.81 -21.40 11.13
N THR F 28 -41.82 -22.63 11.66
CA THR F 28 -41.84 -23.81 10.82
C THR F 28 -43.22 -24.46 10.85
N ARG F 29 -44.20 -23.75 11.41
CA ARG F 29 -45.57 -24.26 11.48
C ARG F 29 -45.71 -25.67 12.06
N TRP F 30 -44.81 -26.04 12.97
CA TRP F 30 -44.85 -27.35 13.62
C TRP F 30 -44.17 -27.37 14.99
N CYS F 31 -44.20 -28.53 15.63
CA CYS F 31 -43.63 -28.68 16.96
C CYS F 31 -42.18 -29.16 16.96
N LYS F 32 -41.36 -28.48 17.76
CA LYS F 32 -39.94 -28.82 17.89
C LYS F 32 -39.58 -28.86 19.36
N TYR F 33 -38.34 -29.26 19.67
CA TYR F 33 -37.89 -29.33 21.05
C TYR F 33 -37.59 -27.98 21.70
N GLN F 34 -37.37 -28.01 23.02
CA GLN F 34 -37.07 -26.80 23.77
C GLN F 34 -35.89 -27.03 24.72
N ILE F 35 -35.10 -25.98 24.93
CA ILE F 35 -33.95 -26.07 25.82
C ILE F 35 -33.84 -24.84 26.71
N LYS G 15 -7.48 0.13 -59.78
CA LYS G 15 -7.47 -0.86 -58.71
C LYS G 15 -6.42 -0.51 -57.67
N MET G 16 -6.86 -0.30 -56.42
CA MET G 16 -5.96 0.12 -55.36
C MET G 16 -5.10 -1.06 -54.93
N GLN G 17 -4.09 -1.35 -55.76
CA GLN G 17 -3.16 -2.43 -55.47
C GLN G 17 -1.72 -1.95 -55.42
N LYS G 18 -1.50 -0.65 -55.31
CA LYS G 18 -0.17 -0.11 -55.10
C LYS G 18 0.11 0.02 -53.62
N ILE G 19 1.40 0.15 -53.28
CA ILE G 19 1.83 0.24 -51.90
C ILE G 19 1.59 1.66 -51.41
N VAL G 20 0.42 1.91 -50.83
CA VAL G 20 0.04 3.27 -50.46
C VAL G 20 0.24 3.54 -48.98
N ASN G 21 0.62 2.54 -48.19
CA ASN G 21 0.78 2.69 -46.75
C ASN G 21 2.23 2.41 -46.38
N HIS G 22 2.98 3.49 -46.12
CA HIS G 22 4.39 3.40 -45.74
C HIS G 22 4.69 4.33 -44.57
N ARG G 23 5.97 4.45 -44.21
CA ARG G 23 6.34 5.21 -43.01
C ARG G 23 5.74 6.61 -43.02
N ALA G 24 5.77 7.28 -44.18
CA ALA G 24 5.27 8.65 -44.25
C ALA G 24 3.79 8.72 -43.93
N PHE G 25 2.99 7.84 -44.55
CA PHE G 25 1.56 7.83 -44.28
C PHE G 25 1.27 7.50 -42.82
N THR G 26 1.97 6.52 -42.28
CA THR G 26 1.78 6.18 -40.87
C THR G 26 2.07 7.39 -39.99
N PHE G 27 3.12 8.15 -40.31
CA PHE G 27 3.43 9.29 -39.45
C PHE G 27 2.44 10.43 -39.65
N THR G 28 1.87 10.56 -40.85
CA THR G 28 0.75 11.48 -41.00
C THR G 28 -0.39 11.09 -40.06
N VAL G 29 -0.73 9.81 -40.04
CA VAL G 29 -1.79 9.32 -39.16
C VAL G 29 -1.46 9.65 -37.71
N ILE G 30 -0.22 9.36 -37.31
CA ILE G 30 0.18 9.61 -35.93
C ILE G 30 0.06 11.10 -35.60
N ALA G 31 0.50 11.96 -36.53
CA ALA G 31 0.41 13.39 -36.29
C ALA G 31 -1.03 13.80 -36.11
N LEU G 32 -1.93 13.30 -36.96
CA LEU G 32 -3.34 13.63 -36.82
C LEU G 32 -3.88 13.20 -35.46
N ILE G 33 -3.50 11.99 -35.03
CA ILE G 33 -3.99 11.51 -33.74
C ILE G 33 -3.50 12.42 -32.62
N LEU G 34 -2.21 12.74 -32.61
CA LEU G 34 -1.67 13.61 -31.57
C LEU G 34 -2.33 14.97 -31.61
N PHE G 35 -2.65 15.46 -32.79
CA PHE G 35 -3.27 16.77 -32.90
C PHE G 35 -4.69 16.74 -32.35
N ASN G 36 -5.45 15.68 -32.66
CA ASN G 36 -6.77 15.55 -32.10
C ASN G 36 -6.70 15.44 -30.58
N ALA G 37 -5.70 14.73 -30.07
CA ALA G 37 -5.50 14.66 -28.63
C ALA G 37 -5.30 16.04 -28.04
N LEU G 38 -4.38 16.81 -28.63
CA LEU G 38 -4.12 18.15 -28.14
C LEU G 38 -5.38 19.01 -28.17
N ILE G 39 -6.17 18.88 -29.23
CA ILE G 39 -7.32 19.76 -29.37
C ILE G 39 -8.40 19.38 -28.36
N VAL G 40 -8.61 18.08 -28.16
CA VAL G 40 -9.58 17.65 -27.16
C VAL G 40 -9.14 18.07 -25.78
N GLY G 41 -7.83 18.05 -25.51
CA GLY G 41 -7.34 18.56 -24.25
C GLY G 41 -7.66 20.03 -24.07
N ILE G 42 -7.32 20.84 -25.08
CA ILE G 42 -7.55 22.27 -24.98
C ILE G 42 -9.02 22.57 -24.73
N GLU G 43 -9.91 21.90 -25.47
CA GLU G 43 -11.31 22.28 -25.43
C GLU G 43 -11.91 22.09 -24.05
N THR G 44 -11.14 21.57 -23.10
CA THR G 44 -11.61 21.39 -21.73
C THR G 44 -11.38 22.62 -20.88
N TYR G 45 -11.12 23.76 -21.49
CA TYR G 45 -10.98 25.03 -20.78
C TYR G 45 -12.13 25.93 -21.16
N PRO G 46 -12.93 26.41 -20.21
CA PRO G 46 -14.11 27.21 -20.58
C PRO G 46 -13.77 28.49 -21.32
N ARG G 47 -12.82 29.27 -20.80
CA ARG G 47 -12.40 30.48 -21.49
C ARG G 47 -12.02 30.18 -22.93
N ILE G 48 -10.99 29.36 -23.11
CA ILE G 48 -10.51 29.02 -24.44
C ILE G 48 -11.58 28.39 -25.31
N TYR G 49 -12.71 27.99 -24.74
CA TYR G 49 -13.74 27.34 -25.53
C TYR G 49 -14.80 28.32 -26.00
N ALA G 50 -15.40 29.06 -25.08
CA ALA G 50 -16.47 29.99 -25.46
C ALA G 50 -16.07 30.83 -26.66
N ASP G 51 -14.85 31.36 -26.65
CA ASP G 51 -14.40 32.26 -27.70
C ASP G 51 -14.37 31.60 -29.07
N HIS G 52 -13.54 30.58 -29.23
CA HIS G 52 -13.29 29.98 -30.53
C HIS G 52 -14.21 28.80 -30.83
N LYS G 53 -15.40 28.77 -30.23
CA LYS G 53 -16.30 27.64 -30.38
C LYS G 53 -16.38 27.17 -31.82
N TRP G 54 -16.70 28.09 -32.73
CA TRP G 54 -16.87 27.73 -34.13
C TRP G 54 -15.61 27.06 -34.67
N LEU G 55 -14.46 27.65 -34.41
CA LEU G 55 -13.21 27.09 -34.91
C LEU G 55 -13.03 25.66 -34.41
N PHE G 56 -13.22 25.44 -33.11
CA PHE G 56 -13.07 24.10 -32.56
C PHE G 56 -14.01 23.12 -33.25
N TYR G 57 -15.28 23.52 -33.38
CA TYR G 57 -16.23 22.61 -33.99
C TYR G 57 -15.82 22.23 -35.41
N ARG G 58 -15.42 23.22 -36.20
CA ARG G 58 -15.05 22.91 -37.58
C ARG G 58 -13.79 22.07 -37.65
N ILE G 59 -12.83 22.32 -36.75
CA ILE G 59 -11.66 21.46 -36.67
C ILE G 59 -12.09 20.03 -36.41
N ASP G 60 -12.99 19.85 -35.46
CA ASP G 60 -13.46 18.51 -35.14
C ASP G 60 -14.10 17.86 -36.35
N LEU G 61 -14.90 18.63 -37.09
CA LEU G 61 -15.54 18.09 -38.31
C LEU G 61 -14.48 17.59 -39.29
N VAL G 62 -13.49 18.42 -39.58
CA VAL G 62 -12.47 18.02 -40.54
C VAL G 62 -11.74 16.79 -40.04
N LEU G 63 -11.40 16.76 -38.75
CA LEU G 63 -10.73 15.60 -38.19
C LEU G 63 -11.56 14.34 -38.38
N LEU G 64 -12.85 14.45 -38.10
CA LEU G 64 -13.74 13.31 -38.24
C LEU G 64 -13.72 12.79 -39.67
N TRP G 65 -13.83 13.69 -40.65
CA TRP G 65 -13.83 13.26 -42.04
C TRP G 65 -12.50 12.62 -42.41
N ILE G 66 -11.40 13.22 -41.96
CA ILE G 66 -10.08 12.77 -42.37
C ILE G 66 -9.74 11.46 -41.69
N PHE G 67 -10.47 11.14 -40.64
CA PHE G 67 -10.32 9.83 -40.01
C PHE G 67 -11.22 8.79 -40.67
N THR G 68 -12.42 9.20 -41.07
CA THR G 68 -13.30 8.29 -41.77
C THR G 68 -12.68 7.85 -43.08
N ILE G 69 -12.19 8.80 -43.87
CA ILE G 69 -11.56 8.42 -45.13
C ILE G 69 -10.31 7.61 -44.86
N GLU G 70 -9.65 7.84 -43.73
CA GLU G 70 -8.52 7.03 -43.34
C GLU G 70 -8.93 5.56 -43.21
N ILE G 71 -9.94 5.30 -42.38
CA ILE G 71 -10.39 3.93 -42.20
C ILE G 71 -10.89 3.36 -43.52
N ALA G 72 -11.50 4.20 -44.36
CA ALA G 72 -12.01 3.72 -45.63
C ALA G 72 -10.89 3.25 -46.54
N MET G 73 -9.82 4.04 -46.62
CA MET G 73 -8.65 3.60 -47.38
C MET G 73 -8.08 2.32 -46.80
N ARG G 74 -7.97 2.26 -45.47
CA ARG G 74 -7.47 1.04 -44.83
C ARG G 74 -8.30 -0.16 -45.26
N PHE G 75 -9.61 -0.02 -45.27
CA PHE G 75 -10.51 -1.10 -45.68
C PHE G 75 -10.25 -1.47 -47.12
N LEU G 76 -10.51 -0.53 -48.03
CA LEU G 76 -10.45 -0.85 -49.45
C LEU G 76 -9.08 -1.39 -49.84
N ALA G 77 -8.02 -0.60 -49.63
CA ALA G 77 -6.71 -0.93 -50.18
C ALA G 77 -6.22 -2.30 -49.77
N SER G 78 -6.84 -2.95 -48.78
CA SER G 78 -6.35 -4.23 -48.28
C SER G 78 -7.45 -5.27 -48.34
N ASN G 79 -7.26 -6.24 -49.24
CA ASN G 79 -8.14 -7.41 -49.49
C ASN G 79 -9.59 -7.24 -49.08
N PRO G 80 -10.29 -6.33 -49.77
CA PRO G 80 -11.67 -5.98 -49.43
C PRO G 80 -12.56 -7.19 -49.32
N LYS G 81 -12.65 -7.97 -50.41
CA LYS G 81 -13.37 -9.23 -50.35
C LYS G 81 -12.89 -10.08 -49.19
N SER G 82 -11.65 -9.85 -48.74
CA SER G 82 -11.22 -10.69 -47.63
C SER G 82 -11.81 -10.08 -46.41
N ALA G 83 -11.69 -10.85 -45.35
CA ALA G 83 -12.36 -10.46 -44.12
C ALA G 83 -11.93 -9.06 -43.67
N PHE G 84 -10.65 -8.92 -43.33
CA PHE G 84 -10.13 -7.64 -42.84
C PHE G 84 -10.64 -7.38 -41.43
N PHE G 85 -11.55 -8.20 -40.95
CA PHE G 85 -12.16 -8.01 -39.65
C PHE G 85 -11.56 -8.90 -38.58
N ARG G 86 -10.57 -9.72 -38.94
CA ARG G 86 -9.88 -10.51 -37.93
C ARG G 86 -9.28 -9.62 -36.85
N SER G 87 -8.45 -8.66 -37.27
CA SER G 87 -7.80 -7.79 -36.32
C SER G 87 -8.79 -7.03 -35.45
N SER G 88 -8.81 -7.32 -34.15
CA SER G 88 -9.67 -6.62 -33.22
C SER G 88 -9.49 -5.11 -33.33
N TRP G 89 -8.27 -4.68 -33.61
CA TRP G 89 -7.99 -3.25 -33.69
C TRP G 89 -8.86 -2.58 -34.75
N ASN G 90 -8.75 -3.05 -36.00
CA ASN G 90 -9.60 -2.51 -37.05
C ASN G 90 -11.04 -2.43 -36.60
N TRP G 91 -11.52 -3.43 -35.85
CA TRP G 91 -12.84 -3.35 -35.28
C TRP G 91 -12.98 -2.14 -34.36
N PHE G 92 -11.96 -1.88 -33.55
CA PHE G 92 -12.02 -0.75 -32.62
C PHE G 92 -12.15 0.56 -33.39
N ASP G 93 -11.25 0.78 -34.34
CA ASP G 93 -11.31 1.99 -35.16
C ASP G 93 -12.66 2.11 -35.85
N PHE G 94 -13.13 1.00 -36.42
CA PHE G 94 -14.41 1.00 -37.11
C PHE G 94 -15.51 1.49 -36.21
N LEU G 95 -15.65 0.87 -35.03
CA LEU G 95 -16.74 1.23 -34.14
C LEU G 95 -16.64 2.67 -33.69
N ILE G 96 -15.42 3.15 -33.40
CA ILE G 96 -15.27 4.54 -32.99
C ILE G 96 -15.78 5.47 -34.08
N VAL G 97 -15.31 5.27 -35.31
CA VAL G 97 -15.70 6.17 -36.38
C VAL G 97 -17.20 6.08 -36.64
N THR G 98 -17.76 4.87 -36.56
CA THR G 98 -19.20 4.72 -36.76
C THR G 98 -19.96 5.55 -35.75
N LEU G 99 -19.74 5.29 -34.46
CA LEU G 99 -20.49 5.98 -33.44
C LEU G 99 -20.29 7.48 -33.51
N SER G 100 -19.10 7.92 -33.94
CA SER G 100 -18.86 9.35 -34.02
C SER G 100 -19.59 9.98 -35.20
N LEU G 101 -19.69 9.26 -36.32
CA LEU G 101 -20.45 9.76 -37.45
C LEU G 101 -21.93 9.79 -37.15
N VAL G 102 -22.42 8.78 -36.44
CA VAL G 102 -23.85 8.67 -36.16
C VAL G 102 -24.40 9.96 -35.58
N GLU G 103 -23.55 10.77 -34.96
CA GLU G 103 -23.97 12.08 -34.52
C GLU G 103 -24.46 12.94 -35.68
N LEU G 104 -24.08 12.58 -36.90
CA LEU G 104 -24.48 13.36 -38.07
C LEU G 104 -25.71 12.85 -38.81
N PHE G 105 -25.85 11.52 -38.89
CA PHE G 105 -26.96 10.93 -39.62
C PHE G 105 -28.06 10.28 -38.80
N LEU G 106 -27.95 10.32 -37.47
CA LEU G 106 -28.98 9.69 -36.65
C LEU G 106 -29.90 10.67 -35.95
N ALA G 107 -30.41 10.25 -34.79
CA ALA G 107 -31.35 11.03 -34.01
C ALA G 107 -30.80 12.20 -33.18
N ASP G 108 -30.93 12.06 -31.87
CA ASP G 108 -30.56 13.09 -30.90
C ASP G 108 -29.42 12.62 -30.01
N VAL G 109 -28.20 12.77 -30.52
CA VAL G 109 -27.02 12.37 -29.78
C VAL G 109 -26.00 13.51 -29.73
N GLU G 110 -26.43 14.66 -29.25
CA GLU G 110 -25.56 15.82 -29.17
C GLU G 110 -24.34 15.55 -28.28
N GLY G 111 -24.59 15.38 -26.99
CA GLY G 111 -23.53 15.12 -26.04
C GLY G 111 -24.08 14.34 -24.87
N LEU G 112 -24.73 15.07 -23.96
CA LEU G 112 -25.33 14.48 -22.75
C LEU G 112 -24.34 13.69 -21.90
N SER G 113 -23.12 14.21 -21.78
CA SER G 113 -22.05 13.58 -21.00
C SER G 113 -21.79 12.14 -21.41
N VAL G 114 -21.77 11.87 -22.72
CA VAL G 114 -21.53 10.52 -23.20
C VAL G 114 -20.96 10.43 -24.61
N LEU G 115 -21.12 11.49 -25.41
CA LEU G 115 -20.58 11.45 -26.76
C LEU G 115 -19.17 12.00 -26.74
N ARG G 116 -18.92 12.95 -25.86
CA ARG G 116 -17.59 13.54 -25.73
C ARG G 116 -16.59 12.51 -25.25
N ILE G 117 -17.02 11.62 -24.35
CA ILE G 117 -16.16 10.51 -23.96
C ILE G 117 -15.68 9.76 -25.20
N LEU G 118 -16.51 9.72 -26.24
CA LEU G 118 -16.10 9.02 -27.44
C LEU G 118 -14.98 9.75 -28.15
N ARG G 119 -15.12 11.07 -28.33
CA ARG G 119 -14.05 11.84 -28.94
C ARG G 119 -12.76 11.63 -28.17
N VAL G 120 -12.83 11.61 -26.84
CA VAL G 120 -11.62 11.43 -26.05
C VAL G 120 -11.05 10.04 -26.30
N LEU G 121 -11.87 9.00 -26.11
CA LEU G 121 -11.42 7.64 -26.35
C LEU G 121 -10.77 7.50 -27.71
N ARG G 122 -11.12 8.37 -28.65
CA ARG G 122 -10.49 8.33 -29.96
C ARG G 122 -8.97 8.36 -29.88
N VAL G 123 -8.41 8.71 -28.72
CA VAL G 123 -6.97 8.81 -28.59
C VAL G 123 -6.31 7.44 -28.55
N LEU G 124 -7.04 6.42 -28.10
CA LEU G 124 -6.42 5.12 -27.92
C LEU G 124 -5.80 4.60 -29.20
N ARG G 125 -6.26 5.06 -30.36
CA ARG G 125 -5.65 4.63 -31.61
C ARG G 125 -4.15 4.85 -31.61
N ALA G 126 -3.66 5.78 -30.79
CA ALA G 126 -2.22 5.93 -30.60
C ALA G 126 -1.58 4.62 -30.15
N ILE G 127 -2.38 3.70 -29.61
CA ILE G 127 -1.86 2.38 -29.31
C ILE G 127 -1.89 1.50 -30.54
N SER G 128 -2.86 1.71 -31.42
CA SER G 128 -2.94 0.89 -32.62
C SER G 128 -1.79 1.19 -33.57
N VAL G 129 -1.41 2.46 -33.69
CA VAL G 129 -0.40 2.82 -34.67
C VAL G 129 0.98 2.33 -34.23
N VAL G 130 1.45 2.80 -33.09
CA VAL G 130 2.80 2.50 -32.63
C VAL G 130 2.99 0.99 -32.49
N PRO G 131 3.86 0.38 -33.29
CA PRO G 131 4.01 -1.08 -33.23
C PRO G 131 4.31 -1.60 -31.85
N SER G 132 5.24 -0.98 -31.12
CA SER G 132 5.60 -1.50 -29.82
C SER G 132 4.41 -1.50 -28.88
N LEU G 133 3.62 -0.43 -28.90
CA LEU G 133 2.50 -0.35 -27.98
C LEU G 133 1.50 -1.46 -28.25
N ARG G 134 1.16 -1.68 -29.51
CA ARG G 134 0.26 -2.78 -29.85
C ARG G 134 0.84 -4.10 -29.39
N ARG G 135 2.13 -4.32 -29.67
CA ARG G 135 2.76 -5.56 -29.27
C ARG G 135 2.65 -5.77 -27.78
N LEU G 136 2.82 -4.70 -27.00
CA LEU G 136 2.76 -4.83 -25.55
C LEU G 136 1.34 -5.12 -25.08
N VAL G 137 0.40 -4.27 -25.49
CA VAL G 137 -0.99 -4.45 -25.07
C VAL G 137 -1.48 -5.85 -25.42
N ASP G 138 -0.99 -6.41 -26.52
CA ASP G 138 -1.42 -7.74 -26.90
C ASP G 138 -1.18 -8.74 -25.78
N ALA G 139 0.05 -8.82 -25.29
CA ALA G 139 0.34 -9.72 -24.18
C ALA G 139 -0.36 -9.27 -22.91
N LEU G 140 -0.32 -7.98 -22.62
CA LEU G 140 -0.94 -7.48 -21.40
C LEU G 140 -2.41 -7.85 -21.33
N VAL G 141 -3.03 -8.15 -22.46
CA VAL G 141 -4.39 -8.65 -22.47
C VAL G 141 -4.42 -10.17 -22.42
N MET G 142 -3.69 -10.81 -23.33
CA MET G 142 -3.71 -12.27 -23.42
C MET G 142 -3.48 -12.90 -22.06
N THR G 143 -2.72 -12.25 -21.18
CA THR G 143 -2.44 -12.83 -19.87
C THR G 143 -3.57 -12.64 -18.87
N ILE G 144 -4.76 -12.24 -19.30
CA ILE G 144 -5.89 -12.17 -18.40
C ILE G 144 -6.47 -13.57 -18.20
N PRO G 145 -6.87 -14.25 -19.28
CA PRO G 145 -7.40 -15.62 -19.12
C PRO G 145 -6.48 -16.51 -18.32
N ALA G 146 -5.18 -16.23 -18.33
CA ALA G 146 -4.27 -16.95 -17.45
C ALA G 146 -4.75 -16.88 -16.01
N LEU G 147 -5.17 -15.70 -15.56
CA LEU G 147 -5.68 -15.56 -14.22
C LEU G 147 -6.94 -16.40 -14.06
N GLY G 148 -7.99 -16.06 -14.78
CA GLY G 148 -9.15 -16.92 -14.83
C GLY G 148 -9.71 -17.22 -13.46
N ASN G 149 -9.44 -18.44 -12.98
CA ASN G 149 -9.94 -18.91 -11.70
C ASN G 149 -9.86 -17.86 -10.60
N ILE G 150 -8.64 -17.38 -10.32
CA ILE G 150 -8.45 -16.48 -9.19
C ILE G 150 -9.48 -15.36 -9.22
N LEU G 151 -9.83 -14.88 -10.41
CA LEU G 151 -10.87 -13.86 -10.50
C LEU G 151 -12.20 -14.41 -9.99
N ILE G 152 -12.51 -15.65 -10.33
CA ILE G 152 -13.76 -16.26 -9.85
C ILE G 152 -13.73 -16.41 -8.34
N LEU G 153 -12.58 -16.81 -7.79
CA LEU G 153 -12.45 -16.94 -6.35
C LEU G 153 -12.68 -15.60 -5.66
N MET G 154 -12.01 -14.56 -6.14
CA MET G 154 -12.21 -13.24 -5.57
C MET G 154 -13.66 -12.80 -5.70
N SER G 155 -14.32 -13.16 -6.80
CA SER G 155 -15.72 -12.79 -6.97
C SER G 155 -16.59 -13.50 -5.95
N ILE G 156 -16.36 -14.79 -5.73
CA ILE G 156 -17.13 -15.53 -4.74
C ILE G 156 -16.94 -14.95 -3.36
N PHE G 157 -15.69 -14.64 -3.03
CA PHE G 157 -15.38 -14.08 -1.71
C PHE G 157 -16.05 -12.73 -1.53
N PHE G 158 -15.91 -11.86 -2.51
CA PHE G 158 -16.60 -10.58 -2.48
C PHE G 158 -18.08 -10.77 -2.26
N TYR G 159 -18.69 -11.73 -2.97
CA TYR G 159 -20.12 -11.93 -2.83
C TYR G 159 -20.50 -12.37 -1.43
N ILE G 160 -19.82 -13.40 -0.92
CA ILE G 160 -20.11 -13.89 0.42
C ILE G 160 -20.01 -12.76 1.43
N PHE G 161 -18.85 -12.11 1.46
CA PHE G 161 -18.62 -11.05 2.42
C PHE G 161 -19.56 -9.86 2.28
N ALA G 162 -19.99 -9.59 1.05
CA ALA G 162 -20.94 -8.50 0.84
C ALA G 162 -22.31 -8.86 1.38
N VAL G 163 -22.76 -10.09 1.11
CA VAL G 163 -24.06 -10.52 1.63
C VAL G 163 -24.05 -10.48 3.15
N ILE G 164 -22.99 -11.01 3.76
CA ILE G 164 -22.93 -11.07 5.22
C ILE G 164 -22.88 -9.67 5.79
N GLY G 165 -22.00 -8.83 5.27
CA GLY G 165 -21.91 -7.48 5.77
C GLY G 165 -23.23 -6.75 5.66
N THR G 166 -23.92 -6.93 4.54
CA THR G 166 -25.25 -6.34 4.40
C THR G 166 -26.14 -6.81 5.53
N MET G 167 -26.42 -8.11 5.57
CA MET G 167 -27.40 -8.61 6.52
C MET G 167 -27.02 -8.31 7.96
N LEU G 168 -25.75 -8.01 8.23
CA LEU G 168 -25.34 -7.71 9.61
C LEU G 168 -25.39 -6.22 9.92
N PHE G 169 -24.65 -5.42 9.18
CA PHE G 169 -24.46 -4.02 9.49
C PHE G 169 -25.40 -3.10 8.73
N GLN G 170 -26.40 -3.66 8.05
CA GLN G 170 -27.27 -2.82 7.23
C GLN G 170 -28.03 -1.79 8.05
N HIS G 171 -28.12 -1.98 9.36
CA HIS G 171 -28.82 -1.03 10.21
C HIS G 171 -27.87 -0.21 11.09
N VAL G 172 -26.60 -0.57 11.16
CA VAL G 172 -25.64 0.17 11.95
C VAL G 172 -24.89 1.20 11.11
N SER G 173 -24.58 0.85 9.86
CA SER G 173 -23.86 1.75 8.96
C SER G 173 -24.54 1.75 7.60
N PRO G 174 -25.62 2.51 7.44
CA PRO G 174 -26.38 2.46 6.20
C PRO G 174 -25.67 3.11 5.03
N GLU G 175 -24.54 3.76 5.26
CA GLU G 175 -23.82 4.40 4.18
C GLU G 175 -22.82 3.47 3.51
N TYR G 176 -22.27 2.52 4.26
CA TYR G 176 -21.29 1.59 3.71
C TYR G 176 -21.89 0.24 3.41
N PHE G 177 -22.81 -0.24 4.25
CA PHE G 177 -23.42 -1.55 4.07
C PHE G 177 -24.93 -1.44 3.93
N GLY G 178 -25.40 -0.45 3.17
CA GLY G 178 -26.83 -0.27 3.03
C GLY G 178 -27.49 -1.26 2.11
N ASN G 179 -26.83 -1.66 1.03
CA ASN G 179 -27.43 -2.52 0.02
C ASN G 179 -26.47 -3.63 -0.33
N LEU G 180 -26.92 -4.52 -1.23
CA LEU G 180 -26.03 -5.55 -1.71
C LEU G 180 -24.89 -4.98 -2.52
N GLN G 181 -25.10 -3.83 -3.16
CA GLN G 181 -24.06 -3.19 -3.95
C GLN G 181 -23.42 -2.02 -3.24
N LEU G 182 -24.19 -1.18 -2.57
CA LEU G 182 -23.61 -0.13 -1.76
C LEU G 182 -22.50 -0.65 -0.86
N SER G 183 -22.58 -1.93 -0.47
CA SER G 183 -21.54 -2.54 0.33
C SER G 183 -20.54 -3.32 -0.51
N LEU G 184 -20.92 -3.70 -1.73
CA LEU G 184 -19.93 -4.22 -2.65
C LEU G 184 -18.89 -3.18 -3.00
N LEU G 185 -19.19 -1.92 -2.72
CA LEU G 185 -18.22 -0.84 -2.91
C LEU G 185 -17.33 -0.68 -1.69
N THR G 186 -17.92 -0.78 -0.50
CA THR G 186 -17.12 -0.76 0.72
C THR G 186 -16.12 -1.90 0.72
N LEU G 187 -16.56 -3.09 0.38
CA LEU G 187 -15.62 -4.20 0.33
C LEU G 187 -14.55 -4.00 -0.71
N PHE G 188 -14.75 -3.11 -1.68
CA PHE G 188 -13.68 -2.83 -2.62
C PHE G 188 -12.73 -1.79 -2.07
N GLN G 189 -13.26 -0.78 -1.39
CA GLN G 189 -12.40 0.19 -0.75
C GLN G 189 -11.60 -0.42 0.38
N VAL G 190 -12.04 -1.54 0.94
CA VAL G 190 -11.33 -2.15 2.06
C VAL G 190 -10.26 -3.13 1.63
N VAL G 191 -10.30 -3.64 0.40
CA VAL G 191 -9.20 -4.47 -0.06
C VAL G 191 -8.04 -3.63 -0.56
N THR G 192 -8.27 -2.37 -0.89
CA THR G 192 -7.18 -1.45 -1.17
C THR G 192 -6.67 -0.78 0.09
N LEU G 193 -7.31 -1.02 1.23
CA LEU G 193 -6.81 -0.63 2.54
C LEU G 193 -6.91 0.88 2.76
N GLU G 194 -7.97 1.50 2.28
CA GLU G 194 -8.18 2.92 2.49
C GLU G 194 -8.95 3.15 3.77
N SER G 195 -8.25 3.47 4.84
CA SER G 195 -8.93 3.82 6.06
C SER G 195 -10.04 2.83 6.37
N TRP G 196 -9.78 1.54 6.13
CA TRP G 196 -10.78 0.55 6.46
C TRP G 196 -10.83 0.36 7.96
N ALA G 197 -9.80 0.85 8.66
CA ALA G 197 -9.81 0.77 10.11
C ALA G 197 -10.18 2.08 10.77
N SER G 198 -10.12 3.19 10.06
CA SER G 198 -10.44 4.47 10.67
C SER G 198 -11.73 5.08 10.17
N GLY G 199 -12.22 4.66 9.02
CA GLY G 199 -13.47 5.20 8.54
C GLY G 199 -14.55 4.17 8.42
N VAL G 200 -14.18 2.94 8.08
CA VAL G 200 -15.15 1.88 7.86
C VAL G 200 -15.42 1.11 9.14
N MET G 201 -14.38 0.61 9.79
CA MET G 201 -14.57 -0.30 10.91
C MET G 201 -14.63 0.43 12.25
N ARG G 202 -13.64 1.24 12.55
CA ARG G 202 -13.55 1.89 13.86
C ARG G 202 -14.90 2.43 14.30
N PRO G 203 -15.70 3.03 13.42
CA PRO G 203 -17.01 3.53 13.84
C PRO G 203 -18.07 2.45 13.97
N ILE G 204 -17.93 1.32 13.29
CA ILE G 204 -18.85 0.21 13.48
C ILE G 204 -18.49 -0.57 14.73
N PHE G 205 -17.22 -0.94 14.85
CA PHE G 205 -16.70 -1.71 15.97
C PHE G 205 -17.11 -1.09 17.29
N ALA G 206 -17.56 0.16 17.26
CA ALA G 206 -18.02 0.83 18.47
C ALA G 206 -19.41 0.37 18.89
N GLU G 207 -20.23 -0.11 17.95
CA GLU G 207 -21.57 -0.56 18.27
C GLU G 207 -21.67 -2.08 18.37
N VAL G 208 -21.34 -2.78 17.29
CA VAL G 208 -21.36 -4.24 17.33
C VAL G 208 -19.94 -4.69 17.66
N PRO G 209 -19.64 -4.98 18.93
CA PRO G 209 -18.25 -5.16 19.32
C PRO G 209 -17.59 -6.40 18.78
N TRP G 210 -18.35 -7.37 18.28
CA TRP G 210 -17.73 -8.54 17.70
C TRP G 210 -17.49 -8.40 16.21
N SER G 211 -17.62 -7.18 15.68
CA SER G 211 -17.40 -6.97 14.25
C SER G 211 -15.93 -7.06 13.88
N TRP G 212 -15.03 -6.84 14.82
CA TRP G 212 -13.61 -6.89 14.51
C TRP G 212 -13.24 -8.17 13.79
N LEU G 213 -14.07 -9.20 13.88
CA LEU G 213 -13.82 -10.42 13.12
C LEU G 213 -13.95 -10.15 11.64
N TYR G 214 -15.17 -9.81 11.23
CA TYR G 214 -15.56 -9.52 9.84
C TYR G 214 -14.50 -8.80 9.00
N PHE G 215 -14.05 -7.64 9.47
CA PHE G 215 -13.02 -6.89 8.79
C PHE G 215 -11.69 -7.61 8.85
N VAL G 216 -11.23 -7.93 10.06
CA VAL G 216 -9.94 -8.61 10.15
C VAL G 216 -9.94 -9.81 9.22
N SER G 217 -10.93 -10.69 9.37
CA SER G 217 -10.96 -11.88 8.54
C SER G 217 -10.85 -11.50 7.08
N PHE G 218 -11.72 -10.61 6.62
CA PHE G 218 -11.64 -10.16 5.24
C PHE G 218 -10.23 -9.72 4.91
N VAL G 219 -9.73 -8.71 5.63
CA VAL G 219 -8.46 -8.12 5.27
C VAL G 219 -7.38 -9.17 5.19
N LEU G 220 -7.54 -10.27 5.93
CA LEU G 220 -6.54 -11.33 5.80
C LEU G 220 -6.78 -12.10 4.53
N ILE G 221 -7.93 -12.77 4.44
CA ILE G 221 -8.20 -13.63 3.28
C ILE G 221 -8.03 -12.85 1.99
N GLY G 222 -8.73 -11.73 1.89
CA GLY G 222 -8.59 -10.89 0.72
C GLY G 222 -7.14 -10.76 0.35
N THR G 223 -6.35 -10.20 1.26
CA THR G 223 -4.93 -10.04 1.00
C THR G 223 -4.32 -11.36 0.57
N PHE G 224 -4.46 -12.38 1.42
CA PHE G 224 -3.88 -13.68 1.12
C PHE G 224 -4.22 -14.12 -0.30
N ILE G 225 -5.46 -13.88 -0.73
CA ILE G 225 -5.83 -14.24 -2.09
C ILE G 225 -5.07 -13.37 -3.08
N ILE G 226 -5.26 -12.05 -2.97
CA ILE G 226 -4.65 -11.12 -3.91
C ILE G 226 -3.17 -11.44 -4.07
N PHE G 227 -2.45 -11.38 -2.96
CA PHE G 227 -1.03 -11.70 -2.95
C PHE G 227 -0.72 -12.91 -3.83
N ASN G 228 -1.43 -14.03 -3.61
CA ASN G 228 -1.11 -15.24 -4.35
C ASN G 228 -1.33 -15.06 -5.83
N LEU G 229 -2.46 -14.46 -6.22
CA LEU G 229 -2.66 -14.07 -7.60
C LEU G 229 -1.39 -13.46 -8.15
N PHE G 230 -0.85 -12.47 -7.45
CA PHE G 230 0.41 -11.85 -7.81
C PHE G 230 1.44 -12.92 -8.13
N ILE G 231 1.80 -13.71 -7.12
CA ILE G 231 2.83 -14.73 -7.30
C ILE G 231 2.50 -15.58 -8.52
N GLY G 232 1.23 -15.92 -8.69
CA GLY G 232 0.83 -16.73 -9.82
C GLY G 232 1.37 -16.16 -11.12
N VAL G 233 0.98 -14.91 -11.40
CA VAL G 233 1.28 -14.32 -12.70
C VAL G 233 2.78 -14.14 -12.86
N ILE G 234 3.55 -14.42 -11.81
CA ILE G 234 5.00 -14.39 -11.94
C ILE G 234 5.50 -15.71 -12.51
N VAL G 235 5.07 -16.83 -11.94
CA VAL G 235 5.56 -18.14 -12.36
C VAL G 235 4.90 -18.51 -13.68
N ASN G 236 4.03 -17.65 -14.17
CA ASN G 236 3.53 -17.77 -15.53
C ASN G 236 4.31 -16.95 -16.52
N ASN G 237 5.05 -15.94 -16.05
CA ASN G 237 5.83 -15.06 -16.91
C ASN G 237 7.32 -15.21 -16.69
N VAL G 238 7.80 -15.02 -15.46
CA VAL G 238 9.24 -15.02 -15.23
C VAL G 238 9.86 -16.34 -15.65
N GLU G 239 9.09 -17.42 -15.58
CA GLU G 239 9.57 -18.69 -16.11
C GLU G 239 9.87 -18.58 -17.60
N LYS G 240 8.87 -18.21 -18.38
CA LYS G 240 9.03 -18.07 -19.83
C LYS G 240 8.56 -16.70 -20.31
N GLU H 1 -40.51 23.28 -51.33
CA GLU H 1 -40.32 21.84 -51.09
C GLU H 1 -39.45 21.61 -49.86
N CYS H 2 -39.70 20.49 -49.17
CA CYS H 2 -38.95 20.14 -47.98
C CYS H 2 -37.74 19.27 -48.32
N LEU H 3 -36.56 19.73 -47.93
CA LEU H 3 -35.33 18.99 -48.19
C LEU H 3 -35.22 17.80 -47.24
N GLU H 4 -34.42 16.81 -47.61
CA GLU H 4 -34.25 15.62 -46.81
C GLU H 4 -33.11 15.77 -45.80
N ILE H 5 -32.35 14.70 -45.60
CA ILE H 5 -31.23 14.71 -44.68
C ILE H 5 -30.03 15.45 -45.26
N PHE H 6 -29.11 15.84 -44.40
CA PHE H 6 -27.89 16.57 -44.80
C PHE H 6 -28.22 17.77 -45.69
N LYS H 7 -29.04 18.68 -45.17
CA LYS H 7 -29.43 19.87 -45.90
C LYS H 7 -29.33 21.11 -45.01
N ALA H 8 -28.55 22.09 -45.44
CA ALA H 8 -28.36 23.32 -44.69
C ALA H 8 -29.68 23.97 -44.29
N CYS H 9 -30.18 23.61 -43.10
CA CYS H 9 -31.44 24.15 -42.61
C CYS H 9 -31.24 25.51 -41.96
N ASN H 10 -32.34 26.15 -41.55
CA ASN H 10 -32.29 27.45 -40.91
C ASN H 10 -32.82 27.40 -39.49
N PRO H 11 -32.06 27.99 -38.54
CA PRO H 11 -32.42 28.02 -37.12
C PRO H 11 -33.82 28.58 -36.88
N SER H 12 -34.15 29.67 -37.57
CA SER H 12 -35.46 30.30 -37.42
C SER H 12 -36.54 29.52 -38.19
N ASN H 13 -36.43 29.51 -39.50
CA ASN H 13 -37.39 28.81 -40.36
C ASN H 13 -36.99 27.36 -40.61
N ASP H 14 -37.74 26.44 -40.01
CA ASP H 14 -37.46 25.01 -40.18
C ASP H 14 -38.06 24.46 -41.47
N GLN H 15 -37.18 23.99 -42.35
CA GLN H 15 -37.61 23.43 -43.62
C GLN H 15 -37.61 21.90 -43.57
N CYS H 16 -37.14 21.37 -42.46
CA CYS H 16 -37.08 19.93 -42.25
C CYS H 16 -38.45 19.30 -42.49
N CYS H 17 -38.57 18.54 -43.58
CA CYS H 17 -39.84 17.88 -43.89
C CYS H 17 -40.29 17.02 -42.73
N LYS H 18 -41.55 17.20 -42.31
CA LYS H 18 -42.10 16.45 -41.18
C LYS H 18 -42.62 15.07 -41.57
N SER H 19 -42.66 14.80 -42.87
CA SER H 19 -43.13 13.50 -43.37
C SER H 19 -42.18 12.38 -42.98
N SER H 20 -40.88 12.70 -42.96
CA SER H 20 -39.86 11.72 -42.60
C SER H 20 -39.41 11.92 -41.15
N LYS H 21 -40.26 12.56 -40.36
CA LYS H 21 -39.98 12.84 -38.94
C LYS H 21 -38.61 13.47 -38.75
N LEU H 22 -38.44 14.67 -39.28
CA LEU H 22 -37.16 15.38 -39.18
C LEU H 22 -37.27 16.65 -38.34
N VAL H 23 -36.15 17.08 -37.79
CA VAL H 23 -36.10 18.29 -36.97
C VAL H 23 -34.79 19.04 -37.21
N CYS H 24 -34.88 20.17 -37.89
CA CYS H 24 -33.70 20.98 -38.19
C CYS H 24 -33.03 21.47 -36.92
N SER H 25 -31.70 21.55 -36.95
CA SER H 25 -30.94 22.00 -35.79
C SER H 25 -29.95 23.09 -36.20
N ARG H 26 -29.18 23.57 -35.23
CA ARG H 26 -28.19 24.61 -35.46
C ARG H 26 -26.79 24.12 -35.14
N LYS H 27 -26.71 23.07 -34.31
CA LYS H 27 -25.42 22.51 -33.91
C LYS H 27 -24.58 22.16 -35.13
N THR H 28 -25.19 21.46 -36.08
CA THR H 28 -24.49 21.06 -37.30
C THR H 28 -24.96 21.90 -38.48
N ARG H 29 -25.73 22.95 -38.19
CA ARG H 29 -26.24 23.83 -39.23
C ARG H 29 -26.95 23.13 -40.40
N TRP H 30 -27.58 21.99 -40.11
CA TRP H 30 -28.32 21.24 -41.13
C TRP H 30 -29.42 20.36 -40.55
N CYS H 31 -30.14 19.68 -41.43
CA CYS H 31 -31.24 18.83 -41.03
C CYS H 31 -30.86 17.37 -40.78
N LYS H 32 -31.32 16.84 -39.65
CA LYS H 32 -31.06 15.45 -39.28
C LYS H 32 -32.37 14.80 -38.83
N TYR H 33 -32.32 13.51 -38.54
CA TYR H 33 -33.52 12.78 -38.10
C TYR H 33 -33.94 13.06 -36.67
N GLN H 34 -35.12 12.57 -36.31
CA GLN H 34 -35.66 12.75 -34.97
C GLN H 34 -36.24 11.44 -34.44
N ILE H 35 -36.13 11.25 -33.12
CA ILE H 35 -36.64 10.04 -32.49
C ILE H 35 -37.35 10.37 -31.18
N POV I . -26.66 8.65 -3.85
P POV I . -27.81 4.88 -5.61
C1 POV I . -25.42 4.03 -6.22
C2 POV I . -25.71 2.73 -6.95
C3 POV I . -24.84 1.64 -6.34
C210 POV I . -22.37 -4.14 -9.39
C310 POV I . -14.03 -6.05 -7.46
C11 POV I . -28.51 7.27 -4.71
O11 POV I . -26.43 4.94 -6.54
C211 POV I . -21.50 -4.61 -10.58
C311 POV I . -12.92 -6.26 -8.51
C12 POV I . -27.55 8.45 -4.99
O12 POV I . -27.73 6.10 -4.49
C212 POV I . -20.92 -6.00 -10.26
C312 POV I . -11.89 -7.29 -7.99
C13 POV I . -25.57 7.71 -3.90
O13 POV I . -29.01 5.06 -6.50
C213 POV I . -19.41 -5.99 -10.62
C313 POV I . -12.27 -8.70 -8.51
C14 POV I . -26.16 9.98 -3.88
O14 POV I . -27.86 3.54 -4.91
C214 POV I . -19.15 -4.82 -11.58
C314 POV I . -12.14 -8.72 -10.04
C15 POV I . -27.40 8.43 -2.63
C215 POV I . -17.63 -4.67 -11.83
C315 POV I . -13.51 -8.47 -10.71
C216 POV I . -17.36 -3.29 -12.46
C316 POV I . -13.38 -7.37 -11.76
C217 POV I . -16.10 -3.36 -13.31
C218 POV I . -15.73 -1.95 -13.78
C21 POV I . -26.44 3.25 -9.11
O21 POV I . -25.36 2.88 -8.29
C22 POV I . -26.44 2.86 -10.61
O22 POV I . -27.35 3.86 -8.66
C23 POV I . -26.00 1.38 -10.71
C24 POV I . -26.47 0.64 -9.44
C25 POV I . -26.43 -0.87 -9.72
C26 POV I . -24.97 -1.33 -9.72
C27 POV I . -24.59 -1.70 -11.16
C28 POV I . -23.50 -2.78 -11.10
C29 POV I . -23.34 -3.26 -9.65
C31 POV I . -22.66 0.93 -6.76
O31 POV I . -23.90 1.28 -7.32
C32 POV I . -21.54 0.30 -7.62
O32 POV I . -22.46 1.14 -5.62
C33 POV I . -21.10 -1.03 -6.97
C34 POV I . -19.57 -1.05 -7.05
C35 POV I . -19.12 -2.45 -7.52
C36 POV I . -17.59 -2.51 -7.34
C37 POV I . -17.16 -4.00 -7.39
C38 POV I . -15.63 -4.09 -7.56
C39 POV I . -15.30 -5.48 -8.15
N POV J . -26.03 14.33 -13.03
P POV J . -23.29 11.72 -15.42
C1 POV J . -21.50 9.93 -14.73
C2 POV J . -20.97 9.64 -16.13
C3 POV J . -21.51 8.31 -16.61
C210 POV J . -11.53 3.10 -20.83
C310 POV J . -16.47 2.59 -23.00
C11 POV J . -25.49 12.17 -14.05
O11 POV J . -21.94 11.28 -14.66
C211 POV J . -10.38 2.13 -20.91
C311 POV J . -14.94 2.65 -23.06
C12 POV J . -24.93 13.43 -13.40
O12 POV J . -24.43 11.28 -14.38
C212 POV J . -9.09 2.88 -20.62
C312 POV J . -14.40 1.69 -24.11
C13 POV J . -25.52 15.70 -12.91
O13 POV J . -23.41 10.86 -16.66
C213 POV J . -7.97 2.40 -21.54
C313 POV J . -13.24 0.87 -23.56
C14 POV J . -27.07 14.28 -14.06
O14 POV J . -23.30 13.22 -15.55
C214 POV J . -7.99 0.88 -21.69
C314 POV J . -12.26 0.50 -24.66
C15 POV J . -26.59 13.89 -11.74
C215 POV J . -8.17 0.48 -23.14
C315 POV J . -10.85 0.34 -24.11
C216 POV J . -7.30 -0.72 -23.51
C316 POV J . -10.13 -0.80 -24.77
C217 POV J . -6.87 -0.67 -24.97
C218 POV J . -7.62 -1.70 -25.79
C21 POV J . -19.06 8.30 -15.65
O21 POV J . -19.55 9.60 -16.08
C22 POV J . -18.60 7.28 -16.66
O22 POV J . -19.02 8.05 -14.46
C23 POV J . -17.09 7.15 -16.61
C24 POV J . -16.65 5.96 -17.44
C25 POV J . -15.15 5.76 -17.37
C26 POV J . -14.54 5.86 -18.76
C27 POV J . -13.45 4.81 -18.95
C28 POV J . -12.53 5.21 -20.08
C29 POV J . -11.38 4.24 -20.18
C31 POV J . -23.71 7.42 -17.40
O31 POV J . -22.73 8.50 -17.35
C32 POV J . -23.26 5.98 -17.30
O32 POV J . -24.88 7.70 -17.52
C33 POV J . -22.72 5.52 -18.64
C34 POV J . -21.34 4.88 -18.50
C35 POV J . -20.34 5.58 -19.43
C36 POV J . -19.38 4.57 -20.04
C37 POV J . -18.43 5.24 -21.01
C38 POV J . -18.09 4.32 -22.17
C39 POV J . -16.99 3.33 -21.79
N POV K . 22.16 23.09 21.75
P POV K . 19.43 24.30 18.80
C1 POV K . 20.84 22.10 18.56
C2 POV K . 20.03 21.15 17.68
C3 POV K . 19.02 20.43 18.58
C210 POV K . 25.00 13.91 8.31
C310 POV K . 20.98 12.06 9.47
C11 POV K . 21.04 25.10 20.79
O11 POV K . 20.65 23.42 18.09
C211 POV K . 25.14 13.58 6.80
C311 POV K . 19.87 11.59 8.49
C12 POV K . 22.16 24.04 20.62
O12 POV K . 19.80 24.53 20.42
C212 POV K . 24.28 12.34 6.48
C312 POV K . 20.02 10.06 8.28
C13 POV K . 22.24 23.82 22.98
O13 POV K . 18.14 23.53 18.67
C213 POV K . 24.38 12.01 4.97
C313 POV K . 19.05 9.59 7.18
C14 POV K . 20.98 22.30 21.74
O14 POV K . 19.31 25.63 18.12
C214 POV K . 24.54 10.49 4.80
C314 POV K . 17.59 9.78 7.65
C15 POV K . 23.31 22.22 21.62
C215 POV K . 25.53 10.21 3.64
C315 POV K . 16.89 8.41 7.65
C216 POV K . 26.40 9.00 3.95
C316 POV K . 17.65 7.51 8.61
C217 POV K . 27.78 9.21 3.34
C218 POV K . 28.39 7.87 2.89
C21 POV K . 21.84 20.81 16.23
O21 POV K . 20.88 20.22 17.08
C22 POV K . 22.94 19.91 15.58
O22 POV K . 21.84 21.97 16.01
C23 POV K . 22.26 18.93 14.59
C24 POV K . 22.98 19.01 13.23
C25 POV K . 22.54 17.82 12.35
C26 POV K . 23.69 17.47 11.39
C27 POV K . 23.21 16.34 10.46
C28 POV K . 24.39 15.39 10.20
C29 POV K . 24.52 15.10 8.70
C31 POV K . 18.90 18.09 18.08
O31 POV K . 18.40 19.40 17.83
C32 POV K . 19.77 17.38 17.01
O32 POV K . 18.66 17.55 19.10
C33 POV K . 19.18 15.98 16.73
C34 POV K . 20.18 15.19 15.85
C35 POV K . 19.88 15.48 14.36
C36 POV K . 19.35 14.16 13.73
C37 POV K . 19.41 14.29 12.18
C38 POV K . 20.44 13.25 11.65
C39 POV K . 20.57 13.42 10.11
N POV L . -3.49 27.55 -5.43
P POV L . -2.45 27.03 -9.60
C1 POV L . -1.23 24.75 -9.37
C2 POV L . -0.73 24.51 -10.78
C3 POV L . -1.14 23.10 -11.20
C210 POV L . 2.04 18.83 -15.73
C310 POV L . 2.48 10.44 -13.19
C11 POV L . -3.33 28.61 -7.66
O11 POV L . -1.16 26.11 -9.11
C211 POV L . 3.38 18.11 -15.99
C311 POV L . 3.80 9.62 -13.09
C12 POV L . -2.67 28.45 -6.25
O12 POV L . -3.40 27.33 -8.26
C212 POV L . 3.13 16.87 -16.86
C312 POV L . 3.52 8.13 -13.40
C13 POV L . -3.20 26.19 -5.76
O13 POV L . -1.96 28.33 -10.18
C213 POV L . 3.92 15.69 -16.25
C313 POV L . 3.80 7.88 -14.90
C14 POV L . -3.21 27.79 -4.06
O14 POV L . -3.24 26.27 -10.62
C214 POV L . 5.01 16.26 -15.32
C314 POV L . 5.30 8.09 -15.19
C15 POV L . -4.89 27.80 -5.70
C215 POV L . 5.70 15.11 -14.56
C315 POV L . 5.54 9.51 -15.73
C216 POV L . 6.48 15.69 -13.37
C316 POV L . 6.66 10.18 -14.95
C217 POV L . 7.66 14.79 -13.04
C218 POV L . 8.33 15.27 -11.75
C21 POV L . 1.16 25.85 -11.13
O21 POV L . 0.66 24.56 -10.78
C22 POV L . 2.55 25.97 -11.78
O22 POV L . 0.50 26.81 -10.91
C23 POV L . 2.66 24.90 -12.88
C24 POV L . 1.26 24.65 -13.47
C25 POV L . 1.41 23.93 -14.82
C26 POV L . 1.80 22.46 -14.55
C27 POV L . 3.25 22.27 -15.00
C28 POV L . 3.43 20.82 -15.44
C29 POV L . 2.06 20.13 -15.46
C31 POV L . -0.16 20.99 -10.91
O31 POV L . 0.04 22.34 -11.30
C32 POV L . 0.93 19.93 -11.13
O32 POV L . -1.17 20.69 -10.40
C33 POV L . 0.34 18.77 -11.95
C34 POV L . 0.87 17.48 -11.29
C35 POV L . 1.33 16.51 -12.39
C36 POV L . 1.61 15.16 -11.71
C37 POV L . 1.66 14.07 -12.81
C38 POV L . 2.26 12.78 -12.24
C39 POV L . 2.82 11.95 -13.42
N POV M . 5.89 31.83 -2.19
P POV M . 8.77 28.75 -3.71
C1 POV M . 8.49 26.21 -4.29
C2 POV M . 9.96 25.94 -4.60
C3 POV M . 10.16 25.83 -6.10
C210 POV M . 16.68 15.78 -6.98
C310 POV M . 17.27 20.15 -10.12
C11 POV M . 6.85 30.53 -4.03
O11 POV M . 8.40 27.24 -3.32
C211 POV M . 17.03 14.36 -7.31
C311 POV M . 17.77 18.91 -9.40
C12 POV M . 6.50 30.54 -2.55
O12 POV M . 7.40 29.27 -4.38
C212 POV M . 17.19 13.57 -6.02
C312 POV M . 18.85 18.21 -10.21
C13 POV M . 6.04 32.05 -0.74
O13 POV M . 9.84 28.70 -4.77
C213 POV M . 18.35 12.59 -6.12
C313 POV M . 18.60 16.71 -10.27
C14 POV M . 6.57 32.92 -2.92
O14 POV M . 9.01 29.53 -2.44
C214 POV M . 18.36 11.89 -7.48
C314 POV M . 19.92 15.94 -10.38
C15 POV M . 4.47 31.81 -2.54
C215 POV M . 19.67 12.16 -8.22
C315 POV M . 19.79 14.56 -9.76
C216 POV M . 20.18 10.92 -8.93
C316 POV M . 20.55 13.53 -10.56
C217 POV M . 21.70 10.89 -9.01
C218 POV M . 22.17 11.19 -10.41
C21 POV M . 9.96 23.55 -4.79
O21 POV M . 10.33 24.71 -3.99
C22 POV M . 10.97 22.88 -5.68
O22 POV M . 8.82 23.14 -4.74
C23 POV M . 11.36 21.53 -5.10
C24 POV M . 12.18 20.76 -6.12
C25 POV M . 12.54 19.38 -5.59
C26 POV M . 14.05 19.22 -5.52
C27 POV M . 14.47 17.83 -5.96
C28 POV M . 15.86 17.51 -5.45
C29 POV M . 16.20 16.07 -5.78
C31 POV M . 10.19 27.40 -8.03
O31 POV M . 10.52 27.11 -6.65
C32 POV M . 10.10 26.30 -9.05
O32 POV M . 9.98 28.57 -8.35
C33 POV M . 11.50 25.92 -9.51
C34 POV M . 11.73 24.41 -9.39
C35 POV M . 12.95 24.11 -8.54
C36 POV M . 13.74 22.94 -9.11
C37 POV M . 15.01 22.68 -8.29
C38 POV M . 16.14 22.19 -9.18
C39 POV M . 16.01 20.69 -9.45
N POV N . -12.36 -11.96 34.66
P POV N . -10.27 -8.43 33.84
C1 POV N . -9.79 -10.64 32.52
C2 POV N . -9.28 -10.23 31.16
C3 POV N . -10.49 -9.94 30.25
C210 POV N . 0.54 -15.95 25.15
C310 POV N . -1.91 -13.75 21.97
C11 POV N . -11.63 -9.80 35.70
O11 POV N . -9.31 -9.72 33.48
C211 POV N . 1.98 -15.91 24.62
C311 POV N . -1.33 -12.84 20.85
C12 POV N . -11.22 -11.24 35.24
O12 POV N . -11.68 -8.96 34.55
C212 POV N . 1.94 -15.73 23.08
C312 POV N . -1.20 -13.67 19.55
C13 POV N . -13.47 -11.93 35.58
O13 POV N . -10.59 -7.69 32.56
C213 POV N . 3.38 -15.64 22.52
C313 POV N . -0.48 -12.84 18.47
C14 POV N . -12.76 -11.35 33.44
O14 POV N . -9.55 -7.51 34.80
C214 POV N . 3.47 -16.50 21.24
C314 POV N . -1.34 -11.63 18.08
C15 POV N . -11.98 -13.32 34.41
C215 POV N . 4.84 -17.21 21.20
C315 POV N . -1.66 -11.71 16.57
C216 POV N . 4.70 -18.62 20.62
C316 POV N . -2.43 -13.01 16.35
C217 POV N . 5.71 -19.54 21.30
C218 POV N . 6.20 -20.62 20.31
C21 POV N . -7.39 -11.62 31.36
O21 POV N . -8.54 -11.28 30.61
C22 POV N . -6.53 -12.84 30.95
O22 POV N . -7.09 -10.99 32.31
C23 POV N . -5.86 -12.55 29.59
C24 POV N . -4.33 -12.81 29.69
C25 POV N . -3.73 -12.83 28.29
C26 POV N . -2.51 -13.77 28.29
C27 POV N . -1.85 -13.72 26.90
C28 POV N . -1.34 -15.12 26.56
C29 POV N . 0.12 -15.06 26.04
C31 POV N . -10.23 -10.89 28.08
O31 POV N . -10.03 -9.76 28.93
C32 POV N . -9.01 -11.73 27.62
O32 POV N . -11.32 -11.18 27.71
C33 POV N . -9.03 -11.88 26.09
C34 POV N . -7.96 -12.92 25.68
C35 POV N . -6.61 -12.20 25.47
C36 POV N . -6.26 -12.26 23.95
C37 POV N . -4.76 -11.92 23.76
C38 POV N . -4.04 -13.18 23.22
C39 POV N . -2.52 -12.86 23.09
N POV O . -37.60 -3.05 -8.65
P POV O . -35.93 -2.89 -4.81
C1 POV O . -34.70 -4.09 -6.79
C2 POV O . -33.22 -4.03 -6.50
C3 POV O . -32.69 -2.68 -6.99
C210 POV O . -25.07 -13.81 -8.27
C310 POV O . -22.58 -9.98 -8.13
C11 POV O . -38.19 -2.84 -6.24
O11 POV O . -35.40 -4.27 -5.58
C211 POV O . -24.14 -14.90 -7.69
C311 POV O . -21.27 -9.77 -7.32
C12 POV O . -37.76 -3.79 -7.39
O12 POV O . -37.06 -2.12 -5.77
C212 POV O . -22.67 -14.44 -7.88
C312 POV O . -20.07 -10.00 -8.27
C13 POV O . -38.80 -2.31 -8.93
O13 POV O . -34.74 -1.98 -4.59
C213 POV O . -21.71 -15.48 -7.26
C313 POV O . -18.76 -9.97 -7.45
C14 POV O . -36.49 -2.15 -8.57
O14 POV O . -36.55 -3.24 -3.49
C214 POV O . -20.53 -15.71 -8.24
C314 POV O . -18.54 -8.56 -6.87
C15 POV O . -37.35 -4.00 -9.72
C215 POV O . -20.15 -17.20 -8.24
C315 POV O . -17.20 -8.00 -7.41
C216 POV O . -19.75 -17.64 -9.64
C316 POV O . -17.31 -7.94 -8.93
C217 POV O . -20.16 -19.10 -9.84
C218 POV O . -19.18 -19.83 -10.75
C21 POV O . -32.97 -6.36 -6.80
O21 POV O . -32.56 -5.05 -7.18
C22 POV O . -32.43 -7.60 -7.54
O22 POV O . -33.74 -6.51 -5.91
C23 POV O . -30.91 -7.72 -7.28
C24 POV O . -30.59 -9.15 -6.80
C25 POV O . -29.06 -9.36 -6.84
C26 POV O . -28.78 -10.85 -7.09
C27 POV O . -27.27 -11.09 -7.05
C28 POV O . -26.90 -12.14 -8.11
C29 POV O . -25.98 -13.21 -7.49
C31 POV O . -30.62 -2.89 -8.15
O31 POV O . -31.28 -2.68 -6.90
C32 POV O . -29.90 -4.23 -8.42
O32 POV O . -30.61 -2.03 -8.97
C33 POV O . -28.44 -3.95 -8.88
C34 POV O . -27.82 -5.28 -9.37
C35 POV O . -27.16 -6.01 -8.18
C36 POV O . -25.63 -6.00 -8.41
C37 POV O . -24.98 -7.05 -7.48
C38 POV O . -24.36 -8.18 -8.35
C39 POV O . -23.76 -9.27 -7.42
N POV P . 6.34 17.74 21.11
P POV P . 10.56 17.51 20.25
C1 POV P . 10.53 15.31 18.86
C2 POV P . 12.00 15.07 18.59
C3 POV P . 12.17 14.81 17.09
C210 POV P . 17.07 11.02 13.88
C310 POV P . 14.12 5.94 7.36
C11 POV P . 8.59 18.60 21.63
O11 POV P . 10.41 15.87 20.15
C211 POV P . 17.66 9.59 13.82
C311 POV P . 14.34 4.41 7.28
C12 POV P . 7.43 17.68 22.08
O12 POV P . 9.04 18.17 20.35
C212 POV P . 18.32 9.37 12.45
C312 POV P . 14.45 3.97 5.79
C13 POV P . 6.63 16.89 19.99
O13 POV P . 11.37 17.87 21.48
C213 POV P . 17.87 7.98 11.91
C313 POV P . 15.94 3.94 5.38
C14 POV P . 5.13 17.32 21.73
O14 POV P . 11.26 18.02 19.01
C214 POV P . 17.35 7.15 13.09
C314 POV P . 16.66 2.85 6.19
C15 POV P . 6.20 19.10 20.63
C215 POV P . 16.74 5.84 12.57
C315 POV P . 17.36 3.46 7.40
C216 POV P . 15.88 5.22 13.69
C316 POV P . 16.99 2.67 8.66
C217 POV P . 15.84 3.69 13.50
C218 POV P . 14.85 3.09 14.50
C21 POV P . 12.99 14.22 20.53
O21 POV P . 12.41 13.93 19.27
C22 POV P . 14.03 13.26 21.14
O22 POV P . 12.67 15.20 21.12
C23 POV P . 15.03 12.87 20.02
C24 POV P . 15.16 14.06 19.05
C25 POV P . 16.43 13.86 18.20
C26 POV P . 16.17 12.75 17.18
C27 POV P . 17.02 11.54 17.57
C28 POV P . 17.36 10.76 16.30
C29 POV P . 16.93 11.59 15.08
C31 POV P . 12.00 12.89 15.78
O31 POV P . 12.55 13.47 16.95
C32 POV P . 12.46 11.49 15.31
O32 POV P . 11.21 13.48 15.17
C33 POV P . 12.97 11.59 13.87
C34 POV P . 12.40 10.36 13.13
C35 POV P . 13.50 9.73 12.27
C36 POV P . 12.83 8.68 11.36
C37 POV P . 13.81 8.34 10.22
C38 POV P . 13.33 7.07 9.49
C39 POV P . 14.56 6.45 8.78
N POV Q . 6.34 11.26 29.75
P POV Q . 8.39 7.64 28.08
C1 POV Q . 8.66 6.75 25.63
C2 POV Q . 9.36 5.44 25.99
C3 POV Q . 10.84 5.55 25.68
C210 POV Q . 12.79 -4.72 19.75
C310 POV Q . 16.30 -2.37 23.13
C11 POV Q . 8.27 10.21 28.68
O11 POV Q . 7.78 7.11 26.69
C211 POV Q . 13.10 -5.64 18.59
C311 POV Q . 15.66 -3.56 22.44
C12 POV Q . 6.76 10.18 28.84
O12 POV Q . 8.67 9.19 27.76
C212 POV Q . 11.85 -6.45 18.26
C312 POV Q . 16.69 -4.64 22.15
C13 POV Q . 5.02 10.93 30.32
O13 POV Q . 9.71 6.95 28.29
C213 POV Q . 12.20 -7.89 17.93
C313 POV Q . 16.56 -5.16 20.73
C14 POV Q . 7.32 11.38 30.85
O14 POV Q . 7.32 7.55 29.14
C214 POV Q . 13.45 -7.96 17.04
C314 POV Q . 16.99 -6.62 20.63
C15 POV Q . 6.26 12.52 29.02
C215 POV Q . 14.55 -8.76 17.71
C315 POV Q . 16.25 -7.33 19.51
C216 POV Q . 15.30 -9.64 16.71
C316 POV Q . 17.16 -8.30 18.80
C217 POV Q . 15.81 -10.91 17.36
C218 POV Q . 17.31 -10.87 17.55
C21 POV Q . 9.35 4.31 23.89
O21 POV Q . 8.79 4.39 25.21
C22 POV Q . 10.44 3.32 23.58
O22 POV Q . 8.93 5.05 23.02
C23 POV Q . 9.89 2.19 22.72
C24 POV Q . 11.04 1.34 22.20
C25 POV Q . 10.54 0.24 21.29
C26 POV Q . 10.90 -1.12 21.84
C27 POV Q . 11.33 -2.07 20.73
C28 POV Q . 11.22 -3.51 21.19
C29 POV Q . 11.53 -4.43 20.04
C31 POV Q . 12.82 6.73 26.64
O31 POV Q . 11.56 6.00 26.82
C32 POV Q . 13.67 6.47 25.43
O32 POV Q . 13.15 7.54 27.49
C33 POV Q . 14.48 5.20 25.64
C34 POV Q . 14.32 4.24 24.46
C35 POV Q . 13.84 2.87 24.94
C36 POV Q . 14.52 1.76 24.16
C37 POV Q . 14.10 0.40 24.68
C38 POV Q . 15.24 -0.61 24.58
C39 POV Q . 15.35 -1.19 23.17
N POV R . -3.07 32.01 -21.55
P POV R . -6.22 29.85 -19.83
C1 POV R . -4.07 28.65 -20.73
C2 POV R . -3.91 27.36 -19.94
C3 POV R . -3.18 27.70 -18.64
C210 POV R . -0.61 16.07 -25.09
C310 POV R . 0.30 15.84 -20.61
C11 POV R . -5.52 32.10 -21.11
O11 POV R . -5.44 28.89 -20.95
C211 POV R . -0.97 14.61 -25.47
C311 POV R . -0.07 14.66 -19.66
C12 POV R . -4.37 31.51 -21.98
O12 POV R . -5.58 31.38 -19.87
C212 POV R . -0.33 13.65 -24.45
C312 POV R . 1.16 13.74 -19.52
C13 POV R . -3.10 33.44 -21.51
O13 POV R . -6.00 29.25 -18.46
C213 POV R . -0.71 12.19 -24.79
C313 POV R . 0.78 12.48 -18.72
C14 POV R . -2.75 31.51 -20.24
O14 POV R . -7.69 29.90 -20.14
C214 POV R . 0.54 11.30 -24.66
C314 POV R . 0.40 12.86 -17.27
C15 POV R . -2.06 31.56 -22.47
C215 POV R . 0.54 10.24 -25.78
C315 POV R . 1.34 12.13 -16.31
C216 POV R . 1.96 9.98 -26.28
C316 POV R . 2.76 12.58 -16.63
C217 POV R . 1.91 9.67 -27.78
C218 POV R . 3.01 8.66 -28.15
C21 POV R . -3.74 26.08 -21.91
O21 POV R . -3.14 26.46 -20.68
C22 POV R . -2.96 25.17 -22.89
O22 POV R . -4.82 26.46 -22.19
C23 POV R . -2.79 23.77 -22.25
C24 POV R . -3.27 22.68 -23.24
C25 POV R . -2.78 21.31 -22.74
C26 POV R . -2.59 20.39 -23.96
C27 POV R . -2.20 18.98 -23.47
C28 POV R . -1.17 18.39 -24.42
C29 POV R . -1.57 16.95 -24.81
C31 POV R . -1.48 26.11 -18.12
O31 POV R . -2.85 26.49 -17.98
C32 POV R . -1.11 24.89 -19.02
O32 POV R . -0.63 26.71 -17.56
C33 POV R . -0.23 23.92 -18.21
C34 POV R . 0.32 22.84 -19.19
C35 POV R . -0.68 21.67 -19.26
C36 POV R . -0.02 20.43 -18.61
C37 POV R . -0.80 19.16 -19.03
C38 POV R . 0.12 18.27 -19.90
C39 POV R . -0.68 17.03 -20.38
N POV S . -16.82 -1.15 22.72
P POV S . -14.78 -4.64 24.25
C1 POV S . -13.66 -5.39 22.04
C2 POV S . -12.98 -6.69 22.45
C3 POV S . -11.54 -6.63 21.97
C210 POV S . -7.33 -11.94 20.23
C310 POV S . -2.40 -10.54 13.11
C11 POV S . -16.60 -2.73 24.59
O11 POV S . -14.86 -5.30 22.73
C211 POV S . -7.21 -13.12 19.25
C311 POV S . -2.37 -11.47 11.87
C12 POV S . -17.44 -2.31 23.35
O12 POV S . -15.29 -3.06 24.16
C212 POV S . -5.73 -13.48 19.07
C312 POV S . -0.96 -11.45 11.22
C13 POV S . -15.74 -1.57 21.87
O13 POV S . -15.69 -5.41 25.18
C213 POV S . -5.46 -13.67 17.55
C313 POV S . -0.14 -12.63 11.79
C14 POV S . -17.81 -0.48 21.93
O14 POV S . -13.36 -4.69 24.75
C214 POV S . -6.81 -13.91 16.85
C314 POV S . -0.77 -13.96 11.34
C15 POV S . -16.31 -0.26 23.73
C215 POV S . -6.60 -13.93 15.32
C315 POV S . -1.68 -14.50 12.45
C216 POV S . -7.96 -13.77 14.63
C316 POV S . -3.05 -14.86 11.87
C217 POV S . -7.92 -14.44 13.26
C218 POV S . -9.21 -14.12 12.50
C21 POV S . -14.61 -8.36 22.56
O21 POV S . -13.60 -7.74 21.79
C22 POV S . -14.96 -9.85 22.33
O22 POV S . -15.18 -7.74 23.39
C23 POV S . -13.63 -10.64 22.22
C24 POV S . -12.57 -9.94 23.10
C25 POV S . -11.41 -10.93 23.32
C26 POV S . -10.60 -11.03 22.02
C27 POV S . -10.82 -12.43 21.44
C28 POV S . -9.58 -12.83 20.65
C29 POV S . -8.47 -11.81 20.91
C31 POV S . -10.48 -7.17 19.95
O31 POV S . -11.40 -7.59 20.95
C32 POV S . -10.02 -8.14 18.86
O32 POV S . -10.09 -6.06 19.97
C33 POV S . -8.48 -8.20 18.86
C34 POV S . -8.04 -8.16 17.39
C35 POV S . -6.95 -9.22 17.16
C36 POV S . -6.36 -8.98 15.75
C37 POV S . -5.01 -9.72 15.67
C38 POV S . -4.56 -9.78 14.19
C39 POV S . -3.57 -10.96 14.05
N POV T . -25.59 -6.25 18.93
P POV T . -23.67 -9.39 16.38
C1 POV T . -21.34 -9.53 15.21
C2 POV T . -21.58 -10.84 14.48
C3 POV T . -20.83 -11.97 15.18
C210 POV T . -15.43 -17.40 5.92
C310 POV T . -17.44 -19.92 10.27
C11 POV T . -24.08 -8.16 18.67
O11 POV T . -22.57 -8.84 15.35
C211 POV T . -14.32 -17.86 5.01
C311 POV T . -17.06 -19.82 8.80
C12 POV T . -24.68 -6.93 18.00
O12 POV T . -23.17 -8.79 17.78
C212 POV T . -14.44 -17.13 3.68
C312 POV T . -16.57 -21.17 8.26
C13 POV T . -26.54 -5.43 18.17
O13 POV T . -23.55 -10.89 16.42
C213 POV T . -14.12 -18.08 2.52
C313 POV T . -15.30 -20.99 7.45
C14 POV T . -26.32 -7.24 19.72
O14 POV T . -25.01 -8.76 16.05
C214 POV T . -12.92 -18.95 2.84
C314 POV T . -15.19 -22.06 6.36
C15 POV T . -24.80 -5.39 19.83
C215 POV T . -13.29 -20.43 2.79
C315 POV T . -14.40 -21.55 5.18
C216 POV T . -12.20 -21.27 2.15
C316 POV T . -13.53 -22.64 4.59
C217 POV T . -12.77 -22.49 1.42
C218 POV T . -12.50 -23.76 2.18
C21 POV T . -19.66 -10.94 13.04
O21 POV T . -21.09 -10.71 13.15
C22 POV T . -19.13 -12.27 12.62
O22 POV T . -18.91 -10.02 13.32
C23 POV T . -18.56 -12.19 11.21
C24 POV T . -17.80 -13.46 10.89
C25 POV T . -17.16 -13.38 9.51
C26 POV T . -17.70 -14.48 8.62
C27 POV T . -16.59 -15.07 7.77
C28 POV T . -17.17 -15.79 6.55
C29 POV T . -16.05 -16.26 5.66
C31 POV T . -21.08 -13.25 17.30
O31 POV T . -21.67 -12.61 16.14
C32 POV T . -19.69 -13.84 17.21
O32 POV T . -21.72 -13.32 18.34
C33 POV T . -19.75 -15.19 16.52
C34 POV T . -18.76 -15.28 15.37
C35 POV T . -19.46 -15.66 14.08
C36 POV T . -18.61 -16.61 13.24
C37 POV T . -19.34 -17.05 11.98
C38 POV T . -18.99 -18.48 11.61
C39 POV T . -17.67 -18.54 10.86
#